data_4PC0
#
_entry.id   4PC0
#
_cell.length_a   52.250
_cell.length_b   123.230
_cell.length_c   87.340
_cell.angle_alpha   90.000
_cell.angle_beta   103.390
_cell.angle_gamma   90.000
#
_symmetry.space_group_name_H-M   'P 1 21 1'
#
loop_
_entity.id
_entity.type
_entity.pdbx_description
1 polymer 'Histone-binding protein RBBP4'
2 polymer 'Metastasis-associated protein MTA1'
3 non-polymer GLYCEROL
4 non-polymer 'CALCIUM ION'
5 water water
#
loop_
_entity_poly.entity_id
_entity_poly.type
_entity_poly.pdbx_seq_one_letter_code
_entity_poly.pdbx_strand_id
1 'polypeptide(L)'
;MADKEAAFDDAVEERVINEEYKIWKKNTPFLYDLVMTHALEWPSLTAQWLPDVTRPEGKDFSIHRLVLGTHTSDEQNHLV
IASVQLPNDDAQFDASHYDSEKGEFGGFGSVSGKIEIEIKINHEGEVNRARYMPQNPCIIATKTPSSDVLVFDYTKHPSK
PDPSGECNPDLRLRGHQKEGYGLSWNPNLSGHLLSASDDHTICLWDISAVPKEGKVVDAKTIFTGHTAVVEDVSWHLLHE
SLFGSVADDQKLMIWDTRSNNTSKPSHSVDAHTAEVNCLSFNPYSEFILATGSADKTVALWDLRNLKLKLHSFESHKDEI
FQVQWSPHNETILASSGTDRRLNVWDLSKIGEEQSPEDAEDGPPELLFIHGGHTAKISDFSWNPNEPWVICSVSEDNIMQ
VWQMAENIYNDEDPEGSVDPEGQGS
;
A,B
2 'polypeptide(L)' KLLSSSETKRAARRPYKPIALRQSQALPPRPPPPAPVNDEPI C,D
#
loop_
_chem_comp.id
_chem_comp.type
_chem_comp.name
_chem_comp.formula
CA non-polymer 'CALCIUM ION' 'Ca 2'
GOL non-polymer GLYCEROL 'C3 H8 O3'
#
# COMPACT_ATOMS: atom_id res chain seq x y z
N ASP A 10 -9.87 -10.34 24.23
CA ASP A 10 -10.95 -11.34 23.97
C ASP A 10 -10.77 -11.99 22.60
N ALA A 11 -10.04 -13.11 22.59
CA ALA A 11 -9.74 -13.82 21.35
C ALA A 11 -10.90 -14.69 20.88
N VAL A 12 -11.82 -15.04 21.79
CA VAL A 12 -12.96 -15.89 21.45
C VAL A 12 -14.01 -15.14 20.63
N GLU A 13 -14.30 -13.89 20.99
CA GLU A 13 -15.23 -13.06 20.21
C GLU A 13 -14.69 -12.80 18.80
N GLU A 14 -13.38 -12.58 18.71
CA GLU A 14 -12.69 -12.43 17.42
C GLU A 14 -12.80 -13.69 16.56
N ARG A 15 -12.72 -14.85 17.21
CA ARG A 15 -12.92 -16.13 16.55
C ARG A 15 -14.37 -16.31 16.09
N VAL A 16 -15.33 -15.90 16.93
CA VAL A 16 -16.75 -16.02 16.62
C VAL A 16 -17.14 -15.14 15.42
N ILE A 17 -16.69 -13.88 15.45
CA ILE A 17 -16.93 -12.96 14.34
C ILE A 17 -16.47 -13.52 13.00
N ASN A 18 -15.28 -14.13 13.00
CA ASN A 18 -14.72 -14.69 11.79
C ASN A 18 -15.49 -15.91 11.30
N GLU A 19 -15.96 -16.72 12.24
CA GLU A 19 -16.79 -17.88 11.92
C GLU A 19 -18.15 -17.46 11.38
N GLU A 20 -18.71 -16.42 11.98
CA GLU A 20 -20.00 -15.89 11.54
C GLU A 20 -19.90 -15.21 10.17
N TYR A 21 -18.77 -14.57 9.88
CA TYR A 21 -18.48 -14.02 8.56
C TYR A 21 -18.50 -15.12 7.49
N LYS A 22 -17.90 -16.27 7.81
CA LYS A 22 -17.84 -17.44 6.91
C LYS A 22 -19.23 -17.95 6.55
N ILE A 23 -20.15 -17.85 7.49
CA ILE A 23 -21.53 -18.27 7.27
C ILE A 23 -22.25 -17.25 6.38
N TRP A 24 -22.03 -15.97 6.65
CA TRP A 24 -22.60 -14.90 5.83
C TRP A 24 -22.11 -14.96 4.38
N LYS A 25 -20.82 -15.23 4.20
CA LYS A 25 -20.20 -15.30 2.88
C LYS A 25 -20.86 -16.39 2.05
N LYS A 26 -20.99 -17.56 2.65
CA LYS A 26 -21.64 -18.70 2.00
C LYS A 26 -23.08 -18.38 1.59
N ASN A 27 -23.76 -17.57 2.40
CA ASN A 27 -25.16 -17.18 2.14
C ASN A 27 -25.37 -16.16 1.04
N THR A 28 -24.33 -15.41 0.65
CA THR A 28 -24.52 -14.21 -0.18
C THR A 28 -25.34 -14.40 -1.46
N PRO A 29 -25.15 -15.52 -2.19
CA PRO A 29 -25.97 -15.70 -3.40
C PRO A 29 -27.49 -15.71 -3.17
N PHE A 30 -27.92 -16.11 -1.96
CA PHE A 30 -29.33 -16.05 -1.58
C PHE A 30 -29.84 -14.63 -1.32
N LEU A 31 -29.07 -13.84 -0.58
CA LEU A 31 -29.51 -12.50 -0.11
C LEU A 31 -29.10 -11.30 -0.96
N TYR A 32 -28.10 -11.44 -1.83
CA TYR A 32 -27.61 -10.30 -2.62
C TYR A 32 -27.67 -10.50 -4.13
N ASP A 33 -27.96 -9.42 -4.84
CA ASP A 33 -27.76 -9.35 -6.30
C ASP A 33 -26.34 -8.92 -6.61
N LEU A 34 -25.76 -8.14 -5.73
CA LEU A 34 -24.38 -7.70 -5.88
C LEU A 34 -23.71 -7.66 -4.52
N VAL A 35 -22.53 -8.25 -4.42
CA VAL A 35 -21.65 -8.13 -3.26
C VAL A 35 -20.20 -8.10 -3.70
N MET A 36 -19.52 -7.00 -3.41
CA MET A 36 -18.08 -6.86 -3.63
C MET A 36 -17.39 -6.48 -2.33
N THR A 37 -16.31 -7.16 -2.01
CA THR A 37 -15.50 -6.79 -0.84
C THR A 37 -14.10 -6.47 -1.32
N HIS A 38 -13.56 -5.34 -0.87
CA HIS A 38 -12.29 -4.82 -1.36
C HIS A 38 -11.47 -4.35 -0.15
N ALA A 39 -10.19 -4.70 -0.14
CA ALA A 39 -9.31 -4.31 0.95
C ALA A 39 -8.51 -3.09 0.55
N LEU A 40 -8.83 -1.95 1.17
CA LEU A 40 -8.12 -0.71 0.92
C LEU A 40 -6.77 -0.81 1.60
N GLU A 41 -5.78 -0.04 1.13
CA GLU A 41 -4.46 -0.03 1.76
C GLU A 41 -4.60 0.42 3.22
N TRP A 42 -5.41 1.45 3.44
CA TRP A 42 -5.69 1.95 4.76
C TRP A 42 -7.19 2.01 4.97
N PRO A 43 -7.66 1.98 6.22
CA PRO A 43 -9.09 2.14 6.40
C PRO A 43 -9.52 3.54 6.02
N SER A 44 -10.78 3.68 5.60
CA SER A 44 -11.38 4.97 5.33
C SER A 44 -12.44 5.26 6.37
N LEU A 45 -12.39 6.48 6.92
CA LEU A 45 -13.38 6.96 7.86
C LEU A 45 -14.63 7.51 7.16
N THR A 46 -14.54 7.70 5.84
CA THR A 46 -15.58 8.40 5.10
C THR A 46 -15.89 7.72 3.77
N ALA A 47 -17.12 7.89 3.30
CA ALA A 47 -17.53 7.35 2.01
C ALA A 47 -18.72 8.14 1.46
N GLN A 48 -18.58 8.64 0.23
CA GLN A 48 -19.67 9.33 -0.47
C GLN A 48 -19.57 9.08 -1.96
N TRP A 49 -20.66 8.58 -2.56
CA TRP A 49 -20.72 8.42 -4.00
C TRP A 49 -20.77 9.80 -4.64
N LEU A 50 -20.00 10.02 -5.69
CA LEU A 50 -20.13 11.23 -6.51
C LEU A 50 -21.33 11.05 -7.42
N PRO A 51 -21.91 12.15 -7.92
CA PRO A 51 -23.20 12.03 -8.62
C PRO A 51 -23.11 11.55 -10.06
N ASP A 52 -21.93 11.62 -10.66
CA ASP A 52 -21.77 11.30 -12.09
C ASP A 52 -21.67 9.81 -12.35
N VAL A 53 -22.17 9.40 -13.51
CA VAL A 53 -22.02 8.03 -13.97
C VAL A 53 -21.76 8.03 -15.45
N THR A 54 -20.80 7.22 -15.89
CA THR A 54 -20.48 7.11 -17.31
C THR A 54 -20.80 5.71 -17.82
N ARG A 55 -21.27 5.64 -19.07
CA ARG A 55 -21.66 4.38 -19.71
C ARG A 55 -20.90 4.20 -21.02
N PRO A 56 -19.64 3.72 -20.96
CA PRO A 56 -18.80 3.59 -22.16
C PRO A 56 -19.45 2.78 -23.29
N GLU A 57 -19.09 3.13 -24.54
CA GLU A 57 -19.75 2.59 -25.74
C GLU A 57 -19.68 1.06 -25.83
N GLY A 58 -20.85 0.43 -26.01
CA GLY A 58 -20.94 -1.01 -26.25
C GLY A 58 -20.30 -1.93 -25.21
N LYS A 59 -20.38 -1.54 -23.94
CA LYS A 59 -19.81 -2.33 -22.85
C LYS A 59 -20.92 -2.73 -21.89
N ASP A 60 -20.69 -3.78 -21.11
CA ASP A 60 -21.75 -4.33 -20.26
C ASP A 60 -21.78 -3.77 -18.82
N PHE A 61 -21.00 -2.73 -18.56
CA PHE A 61 -20.93 -2.12 -17.23
C PHE A 61 -20.99 -0.59 -17.29
N SER A 62 -21.27 0.01 -16.15
CA SER A 62 -21.20 1.46 -15.98
C SER A 62 -20.15 1.76 -14.89
N ILE A 63 -19.59 2.97 -14.95
CA ILE A 63 -18.52 3.38 -14.04
C ILE A 63 -19.02 4.47 -13.09
N HIS A 64 -18.92 4.20 -11.79
CA HIS A 64 -19.38 5.11 -10.74
C HIS A 64 -18.17 5.47 -9.90
N ARG A 65 -18.29 6.54 -9.11
CA ARG A 65 -17.13 7.05 -8.37
C ARG A 65 -17.44 7.40 -6.92
N LEU A 66 -16.45 7.17 -6.06
CA LEU A 66 -16.53 7.38 -4.62
C LEU A 66 -15.48 8.39 -4.13
N VAL A 67 -15.87 9.23 -3.17
CA VAL A 67 -14.91 10.03 -2.44
C VAL A 67 -14.57 9.24 -1.18
N LEU A 68 -13.28 8.95 -1.01
CA LEU A 68 -12.77 8.20 0.12
C LEU A 68 -11.61 8.95 0.77
N GLY A 69 -11.16 8.42 1.89
CA GLY A 69 -9.99 8.92 2.57
C GLY A 69 -9.22 7.79 3.20
N THR A 70 -8.06 8.10 3.75
CA THR A 70 -7.24 7.11 4.45
C THR A 70 -7.16 7.43 5.92
N HIS A 71 -6.83 6.43 6.72
CA HIS A 71 -6.56 6.61 8.14
C HIS A 71 -5.28 5.88 8.52
N THR A 72 -4.16 6.60 8.43
CA THR A 72 -2.84 6.09 8.83
C THR A 72 -2.40 6.80 10.09
N SER A 73 -1.84 6.06 11.03
CA SER A 73 -1.27 6.66 12.25
C SER A 73 0.05 7.39 11.96
N ASP A 74 0.98 6.69 11.30
CA ASP A 74 2.36 7.18 11.09
C ASP A 74 2.66 7.65 9.67
N GLU A 75 1.94 7.12 8.68
CA GLU A 75 2.26 7.31 7.26
C GLU A 75 1.49 8.46 6.62
N GLN A 76 1.77 8.72 5.35
CA GLN A 76 1.11 9.79 4.61
C GLN A 76 -0.34 9.45 4.25
N ASN A 77 -1.27 10.28 4.72
CA ASN A 77 -2.68 10.14 4.37
C ASN A 77 -2.99 10.82 3.05
N HIS A 78 -4.11 10.42 2.44
CA HIS A 78 -4.54 11.00 1.18
C HIS A 78 -6.05 11.17 1.11
N LEU A 79 -6.48 12.22 0.40
CA LEU A 79 -7.85 12.31 -0.10
C LEU A 79 -7.91 11.47 -1.36
N VAL A 80 -8.91 10.61 -1.46
CA VAL A 80 -8.93 9.58 -2.50
C VAL A 80 -10.19 9.60 -3.34
N ILE A 81 -10.03 9.42 -4.64
CA ILE A 81 -11.18 9.23 -5.54
C ILE A 81 -11.04 7.89 -6.25
N ALA A 82 -12.08 7.07 -6.14
CA ALA A 82 -12.06 5.68 -6.62
C ALA A 82 -13.16 5.45 -7.63
N SER A 83 -12.93 4.54 -8.57
CA SER A 83 -13.93 4.14 -9.54
C SER A 83 -14.47 2.75 -9.22
N VAL A 84 -15.75 2.55 -9.49
CA VAL A 84 -16.41 1.26 -9.28
C VAL A 84 -17.23 0.91 -10.52
N GLN A 85 -16.98 -0.25 -11.09
CA GLN A 85 -17.77 -0.75 -12.21
C GLN A 85 -18.96 -1.53 -11.67
N LEU A 86 -20.14 -1.28 -12.25
CA LEU A 86 -21.37 -1.97 -11.85
C LEU A 86 -21.97 -2.61 -13.10
N PRO A 87 -22.52 -3.83 -12.96
CA PRO A 87 -23.04 -4.51 -14.15
C PRO A 87 -24.37 -3.97 -14.62
N ASN A 88 -24.51 -3.80 -15.93
CA ASN A 88 -25.82 -3.56 -16.54
C ASN A 88 -26.74 -4.77 -16.33
N ASP A 89 -28.04 -4.57 -16.52
CA ASP A 89 -29.00 -5.66 -16.37
C ASP A 89 -28.84 -6.73 -17.47
N ASP A 90 -28.36 -6.33 -18.64
CA ASP A 90 -28.08 -7.25 -19.75
C ASP A 90 -26.96 -8.21 -19.45
N ALA A 91 -26.02 -7.78 -18.63
CA ALA A 91 -24.67 -8.35 -18.64
C ALA A 91 -24.60 -9.86 -18.51
N GLN A 92 -23.50 -10.39 -19.02
CA GLN A 92 -23.24 -11.81 -19.03
C GLN A 92 -22.55 -12.23 -17.76
N PHE A 93 -22.78 -13.47 -17.35
CA PHE A 93 -22.06 -14.01 -16.24
C PHE A 93 -20.65 -14.34 -16.65
N ASP A 94 -19.71 -14.10 -15.75
CA ASP A 94 -18.32 -14.49 -15.97
C ASP A 94 -18.07 -15.79 -15.22
N ALA A 95 -17.96 -16.89 -15.98
CA ALA A 95 -17.81 -18.23 -15.41
C ALA A 95 -16.38 -18.75 -15.45
N SER A 96 -15.40 -17.87 -15.68
CA SER A 96 -13.99 -18.29 -15.76
C SER A 96 -13.30 -18.55 -14.40
N HIS A 97 -14.01 -18.32 -13.31
CA HIS A 97 -13.43 -18.40 -11.96
C HIS A 97 -14.08 -19.50 -11.12
N TYR A 98 -14.14 -20.73 -11.64
CA TYR A 98 -14.71 -21.80 -10.83
C TYR A 98 -13.80 -22.12 -9.66
N ASP A 99 -14.41 -22.52 -8.54
CA ASP A 99 -13.66 -22.93 -7.35
C ASP A 99 -14.16 -24.26 -6.78
N SER A 100 -13.37 -25.32 -6.94
CA SER A 100 -13.73 -26.68 -6.51
C SER A 100 -13.85 -26.82 -4.99
N GLU A 101 -13.10 -25.98 -4.27
CA GLU A 101 -13.16 -25.94 -2.80
C GLU A 101 -14.54 -25.49 -2.33
N LYS A 102 -14.90 -24.26 -2.69
CA LYS A 102 -16.20 -23.67 -2.31
C LYS A 102 -17.35 -24.26 -3.13
N GLY A 103 -17.05 -24.76 -4.33
CA GLY A 103 -18.08 -25.28 -5.24
C GLY A 103 -18.94 -24.18 -5.85
N GLU A 104 -18.29 -23.08 -6.25
CA GLU A 104 -18.98 -21.91 -6.76
C GLU A 104 -18.12 -21.14 -7.77
N PHE A 105 -18.80 -20.38 -8.65
CA PHE A 105 -18.14 -19.58 -9.68
C PHE A 105 -17.71 -18.19 -9.19
N GLY A 106 -18.34 -17.73 -8.12
CA GLY A 106 -18.15 -16.35 -7.66
C GLY A 106 -18.91 -15.36 -8.54
N GLY A 107 -19.57 -14.40 -7.91
CA GLY A 107 -20.36 -13.40 -8.64
C GLY A 107 -19.53 -12.27 -9.24
N PHE A 108 -20.22 -11.19 -9.60
CA PHE A 108 -19.60 -9.99 -10.15
C PHE A 108 -18.69 -9.33 -9.09
N GLY A 109 -17.40 -9.29 -9.38
CA GLY A 109 -16.44 -8.65 -8.50
C GLY A 109 -15.90 -9.56 -7.42
N SER A 110 -15.96 -10.86 -7.64
CA SER A 110 -15.36 -11.83 -6.74
C SER A 110 -13.83 -11.71 -6.76
N VAL A 111 -13.27 -11.33 -7.92
CA VAL A 111 -11.82 -11.08 -8.06
C VAL A 111 -11.54 -9.60 -8.38
N SER A 112 -10.26 -9.22 -8.32
CA SER A 112 -9.83 -7.86 -8.61
C SER A 112 -10.17 -7.45 -10.04
N GLY A 113 -10.37 -6.14 -10.25
CA GLY A 113 -10.64 -5.59 -11.58
C GLY A 113 -11.73 -4.54 -11.64
N LYS A 114 -12.66 -4.58 -10.70
CA LYS A 114 -13.83 -3.68 -10.73
C LYS A 114 -13.63 -2.36 -9.97
N ILE A 115 -12.79 -2.37 -8.94
CA ILE A 115 -12.52 -1.19 -8.14
C ILE A 115 -11.06 -0.74 -8.31
N GLU A 116 -10.88 0.58 -8.49
CA GLU A 116 -9.57 1.15 -8.74
C GLU A 116 -9.45 2.52 -8.07
N ILE A 117 -8.23 2.85 -7.63
CA ILE A 117 -7.95 4.18 -7.13
C ILE A 117 -7.58 5.05 -8.31
N GLU A 118 -8.33 6.13 -8.53
CA GLU A 118 -8.06 7.05 -9.62
C GLU A 118 -7.16 8.18 -9.18
N ILE A 119 -7.50 8.82 -8.07
CA ILE A 119 -6.80 10.00 -7.60
C ILE A 119 -6.40 9.87 -6.13
N LYS A 120 -5.20 10.33 -5.79
CA LYS A 120 -4.75 10.48 -4.40
C LYS A 120 -4.15 11.86 -4.20
N ILE A 121 -4.78 12.67 -3.37
CA ILE A 121 -4.31 14.01 -3.05
C ILE A 121 -3.75 14.03 -1.62
N ASN A 122 -2.53 14.57 -1.48
CA ASN A 122 -1.86 14.69 -0.16
C ASN A 122 -2.68 15.45 0.86
N HIS A 123 -2.84 14.87 2.03
CA HIS A 123 -3.76 15.38 3.04
C HIS A 123 -3.11 15.27 4.40
N GLU A 124 -3.07 16.39 5.11
CA GLU A 124 -2.41 16.45 6.40
C GLU A 124 -3.32 15.79 7.44
N GLY A 125 -2.91 14.61 7.91
CA GLY A 125 -3.70 13.86 8.88
C GLY A 125 -4.77 13.03 8.20
N GLU A 126 -5.43 12.21 8.99
CA GLU A 126 -6.47 11.34 8.47
C GLU A 126 -7.65 12.17 7.97
N VAL A 127 -8.40 11.63 7.02
CA VAL A 127 -9.59 12.29 6.54
C VAL A 127 -10.80 11.83 7.35
N ASN A 128 -11.16 12.62 8.36
CA ASN A 128 -12.31 12.31 9.23
C ASN A 128 -13.63 12.28 8.44
N ARG A 129 -13.77 13.18 7.49
CA ARG A 129 -14.92 13.16 6.59
C ARG A 129 -14.65 13.99 5.34
N ALA A 130 -15.14 13.51 4.20
CA ALA A 130 -15.00 14.23 2.94
C ALA A 130 -16.35 14.27 2.23
N ARG A 131 -16.77 15.46 1.82
CA ARG A 131 -18.07 15.63 1.18
C ARG A 131 -17.91 16.57 0.00
N TYR A 132 -18.51 16.22 -1.14
CA TYR A 132 -18.43 17.06 -2.34
C TYR A 132 -19.48 18.18 -2.33
N MET A 133 -19.16 19.31 -2.96
CA MET A 133 -20.10 20.41 -3.13
C MET A 133 -21.10 20.06 -4.22
N PRO A 134 -22.41 20.06 -3.91
CA PRO A 134 -23.42 19.65 -4.89
C PRO A 134 -23.46 20.47 -6.19
N GLN A 135 -23.23 21.78 -6.09
CA GLN A 135 -23.25 22.67 -7.27
C GLN A 135 -21.98 22.53 -8.12
N ASN A 136 -20.93 21.92 -7.56
CA ASN A 136 -19.69 21.68 -8.27
C ASN A 136 -18.96 20.52 -7.64
N PRO A 137 -19.27 19.28 -8.12
CA PRO A 137 -18.71 18.05 -7.53
C PRO A 137 -17.19 17.93 -7.59
N CYS A 138 -16.54 18.81 -8.33
CA CYS A 138 -15.07 18.93 -8.30
C CYS A 138 -14.53 19.47 -6.98
N ILE A 139 -15.37 20.22 -6.25
CA ILE A 139 -14.99 20.78 -4.96
C ILE A 139 -15.32 19.80 -3.83
N ILE A 140 -14.32 19.51 -3.00
CA ILE A 140 -14.47 18.59 -1.88
C ILE A 140 -13.93 19.21 -0.59
N ALA A 141 -14.76 19.26 0.44
CA ALA A 141 -14.35 19.72 1.76
C ALA A 141 -13.97 18.51 2.60
N THR A 142 -12.97 18.69 3.47
CA THR A 142 -12.53 17.61 4.34
C THR A 142 -12.35 18.08 5.78
N LYS A 143 -12.63 17.17 6.72
CA LYS A 143 -12.37 17.37 8.14
C LYS A 143 -11.12 16.62 8.53
N THR A 144 -10.22 17.32 9.20
CA THR A 144 -8.89 16.78 9.57
C THR A 144 -8.84 16.56 11.08
N PRO A 145 -7.73 16.00 11.60
CA PRO A 145 -7.55 15.92 13.05
C PRO A 145 -7.12 17.25 13.70
N SER A 146 -6.78 18.25 12.89
CA SER A 146 -6.56 19.60 13.38
C SER A 146 -7.87 20.38 13.22
N SER A 147 -7.84 21.65 13.57
CA SER A 147 -9.04 22.46 13.54
C SER A 147 -9.41 22.96 12.14
N ASP A 148 -8.41 23.11 11.27
CA ASP A 148 -8.63 23.72 9.94
C ASP A 148 -9.40 22.80 8.99
N VAL A 149 -10.61 23.22 8.62
CA VAL A 149 -11.39 22.52 7.60
C VAL A 149 -10.83 22.89 6.22
N LEU A 150 -10.67 21.89 5.35
CA LEU A 150 -9.96 22.07 4.08
C LEU A 150 -10.88 21.89 2.88
N VAL A 151 -10.59 22.64 1.82
CA VAL A 151 -11.32 22.53 0.57
C VAL A 151 -10.34 22.21 -0.54
N PHE A 152 -10.66 21.19 -1.33
CA PHE A 152 -9.85 20.78 -2.48
C PHE A 152 -10.69 20.78 -3.76
N ASP A 153 -10.17 21.41 -4.81
CA ASP A 153 -10.75 21.30 -6.15
C ASP A 153 -9.89 20.31 -6.90
N TYR A 154 -10.31 19.05 -6.95
CA TYR A 154 -9.40 17.97 -7.40
C TYR A 154 -8.90 18.07 -8.85
N THR A 155 -9.56 18.89 -9.69
CA THR A 155 -9.03 19.21 -11.02
C THR A 155 -7.77 20.11 -10.97
N LYS A 156 -7.62 20.87 -9.89
CA LYS A 156 -6.45 21.74 -9.70
C LYS A 156 -5.28 21.02 -9.01
N HIS A 157 -5.28 19.69 -9.09
CA HIS A 157 -4.27 18.86 -8.47
C HIS A 157 -3.86 17.72 -9.40
N PRO A 158 -2.63 17.19 -9.24
CA PRO A 158 -2.25 16.01 -10.01
C PRO A 158 -2.96 14.77 -9.49
N SER A 159 -3.17 13.80 -10.38
CA SER A 159 -3.81 12.54 -10.02
C SER A 159 -2.88 11.70 -9.14
N LYS A 160 -1.58 11.78 -9.44
CA LYS A 160 -0.56 11.11 -8.65
C LYS A 160 0.15 12.18 -7.79
N PRO A 161 0.22 11.96 -6.45
CA PRO A 161 0.72 13.01 -5.57
C PRO A 161 2.24 13.13 -5.57
N ASP A 162 2.73 14.27 -5.09
CA ASP A 162 4.14 14.45 -4.82
C ASP A 162 4.51 13.62 -3.60
N PRO A 163 5.62 12.86 -3.67
CA PRO A 163 6.00 11.99 -2.53
C PRO A 163 6.47 12.73 -1.26
N SER A 164 6.71 14.04 -1.35
CA SER A 164 6.97 14.84 -0.14
C SER A 164 5.81 14.79 0.84
N GLY A 165 4.60 14.58 0.32
CA GLY A 165 3.40 14.50 1.16
C GLY A 165 2.90 15.88 1.56
N GLU A 166 3.36 16.92 0.86
CA GLU A 166 2.96 18.28 1.16
C GLU A 166 1.47 18.48 0.83
N CYS A 167 0.70 18.73 1.88
CA CYS A 167 -0.71 19.07 1.75
C CYS A 167 -0.82 20.53 1.32
N ASN A 168 -1.41 20.78 0.16
CA ASN A 168 -1.63 22.13 -0.36
C ASN A 168 -3.08 22.37 -0.77
N PRO A 169 -3.96 22.60 0.20
CA PRO A 169 -5.37 22.77 -0.12
C PRO A 169 -5.62 24.07 -0.89
N ASP A 170 -6.72 24.12 -1.63
CA ASP A 170 -7.09 25.33 -2.35
C ASP A 170 -7.59 26.39 -1.37
N LEU A 171 -8.24 25.94 -0.29
CA LEU A 171 -8.69 26.83 0.78
C LEU A 171 -8.47 26.19 2.13
N ARG A 172 -8.26 27.04 3.13
CA ARG A 172 -8.10 26.63 4.50
C ARG A 172 -9.13 27.42 5.30
N LEU A 173 -10.11 26.72 5.88
CA LEU A 173 -11.22 27.40 6.55
C LEU A 173 -11.04 27.41 8.08
N ARG A 174 -10.99 28.62 8.64
CA ARG A 174 -10.73 28.84 10.07
C ARG A 174 -11.99 29.16 10.88
N GLY A 175 -11.94 28.86 12.17
CA GLY A 175 -13.06 29.09 13.08
C GLY A 175 -13.08 28.17 14.28
N HIS A 176 -12.66 26.94 14.10
CA HIS A 176 -12.74 25.93 15.14
C HIS A 176 -11.48 25.87 16.00
N GLN A 177 -11.62 25.24 17.17
CA GLN A 177 -10.47 24.95 18.03
C GLN A 177 -10.13 23.48 18.06
N LYS A 178 -11.05 22.63 17.63
CA LYS A 178 -10.79 21.21 17.61
C LYS A 178 -11.29 20.59 16.32
N GLU A 179 -10.95 19.31 16.16
CA GLU A 179 -11.46 18.48 15.07
C GLU A 179 -12.93 18.14 15.27
N GLY A 180 -13.54 17.61 14.21
CA GLY A 180 -14.93 17.15 14.24
C GLY A 180 -15.23 16.24 13.07
N TYR A 181 -16.51 15.89 12.92
CA TYR A 181 -16.97 15.06 11.79
C TYR A 181 -18.04 15.74 10.93
N GLY A 182 -19.02 16.38 11.55
CA GLY A 182 -20.09 17.03 10.82
C GLY A 182 -19.60 17.92 9.68
N LEU A 183 -20.16 17.70 8.50
CA LEU A 183 -19.84 18.46 7.31
C LEU A 183 -21.06 18.46 6.39
N SER A 184 -21.51 19.62 5.96
CA SER A 184 -22.70 19.72 5.11
C SER A 184 -22.70 20.97 4.21
N TRP A 185 -22.75 20.75 2.91
CA TRP A 185 -22.89 21.83 1.94
C TRP A 185 -24.36 22.17 1.76
N ASN A 186 -24.67 23.46 1.68
CA ASN A 186 -26.02 23.90 1.40
C ASN A 186 -26.33 23.62 -0.06
N PRO A 187 -27.34 22.77 -0.32
CA PRO A 187 -27.71 22.44 -1.72
C PRO A 187 -28.45 23.56 -2.45
N ASN A 188 -28.83 24.62 -1.75
CA ASN A 188 -29.53 25.75 -2.35
C ASN A 188 -28.72 27.06 -2.33
N LEU A 189 -27.64 27.10 -1.54
CA LEU A 189 -26.72 28.24 -1.53
C LEU A 189 -25.30 27.77 -1.83
N SER A 190 -24.88 27.99 -3.08
CA SER A 190 -23.57 27.55 -3.53
C SER A 190 -22.45 28.09 -2.64
N GLY A 191 -21.60 27.19 -2.13
CA GLY A 191 -20.42 27.57 -1.35
C GLY A 191 -20.60 27.68 0.16
N HIS A 192 -21.82 27.48 0.65
CA HIS A 192 -22.09 27.62 2.08
C HIS A 192 -21.90 26.29 2.82
N LEU A 193 -20.87 26.23 3.66
CA LEU A 193 -20.47 24.98 4.31
C LEU A 193 -20.63 25.06 5.82
N LEU A 194 -21.26 24.03 6.39
CA LEU A 194 -21.40 23.91 7.85
C LEU A 194 -20.46 22.83 8.35
N SER A 195 -19.98 23.02 9.57
CA SER A 195 -19.04 22.08 10.17
C SER A 195 -19.31 21.95 11.65
N ALA A 196 -19.23 20.73 12.17
CA ALA A 196 -19.36 20.46 13.60
C ALA A 196 -18.00 20.07 14.18
N SER A 197 -17.82 20.24 15.49
CA SER A 197 -16.52 20.05 16.14
C SER A 197 -16.62 19.59 17.57
N ASP A 198 -15.53 19.00 18.07
CA ASP A 198 -15.40 18.67 19.49
C ASP A 198 -15.28 19.91 20.39
N ASP A 199 -15.11 21.08 19.80
CA ASP A 199 -15.06 22.35 20.56
C ASP A 199 -16.43 22.90 20.98
N HIS A 200 -17.50 22.14 20.68
CA HIS A 200 -18.89 22.47 21.06
C HIS A 200 -19.55 23.47 20.10
N THR A 201 -18.86 23.84 19.02
CA THR A 201 -19.39 24.85 18.09
C THR A 201 -19.68 24.31 16.70
N ILE A 202 -20.44 25.10 15.96
CA ILE A 202 -20.74 24.87 14.57
C ILE A 202 -20.28 26.11 13.82
N CYS A 203 -19.43 25.93 12.80
CA CYS A 203 -18.96 27.05 11.99
C CYS A 203 -19.66 27.08 10.66
N LEU A 204 -19.70 28.27 10.06
CA LEU A 204 -20.30 28.46 8.75
C LEU A 204 -19.38 29.33 7.92
N TRP A 205 -19.02 28.86 6.74
CA TRP A 205 -18.22 29.63 5.77
C TRP A 205 -19.03 29.86 4.50
N ASP A 206 -18.77 31.00 3.84
CA ASP A 206 -19.28 31.26 2.51
C ASP A 206 -18.07 31.44 1.61
N ILE A 207 -17.81 30.46 0.75
CA ILE A 207 -16.63 30.47 -0.11
C ILE A 207 -16.97 30.83 -1.57
N SER A 208 -18.20 31.28 -1.83
CA SER A 208 -18.61 31.58 -3.20
C SER A 208 -17.92 32.83 -3.74
N ALA A 209 -17.52 33.73 -2.84
CA ALA A 209 -16.91 34.99 -3.21
C ALA A 209 -15.59 35.18 -2.46
N VAL A 210 -14.63 34.29 -2.72
CA VAL A 210 -13.30 34.40 -2.11
C VAL A 210 -12.46 35.41 -2.91
N PRO A 211 -11.86 36.39 -2.20
CA PRO A 211 -11.12 37.45 -2.90
C PRO A 211 -9.83 36.98 -3.59
N LYS A 212 -9.56 37.51 -4.78
CA LYS A 212 -8.20 37.59 -5.35
C LYS A 212 -7.45 36.27 -5.48
N GLU A 213 -8.17 35.14 -5.29
CA GLU A 213 -7.55 33.83 -5.13
C GLU A 213 -6.70 33.78 -3.83
N GLY A 214 -7.34 34.16 -2.72
CA GLY A 214 -6.79 33.95 -1.37
C GLY A 214 -6.84 32.48 -0.98
N LYS A 215 -6.17 32.15 0.14
CA LYS A 215 -6.02 30.75 0.57
C LYS A 215 -6.61 30.45 1.95
N VAL A 216 -7.01 31.47 2.70
CA VAL A 216 -7.62 31.27 4.02
C VAL A 216 -8.96 32.00 4.09
N VAL A 217 -9.91 31.41 4.80
CA VAL A 217 -11.21 32.02 5.00
C VAL A 217 -11.67 31.86 6.44
N ASP A 218 -12.05 32.98 7.04
CA ASP A 218 -12.59 32.95 8.39
C ASP A 218 -14.09 32.68 8.37
N ALA A 219 -14.58 32.08 9.46
CA ALA A 219 -15.98 31.70 9.59
C ALA A 219 -16.91 32.92 9.58
N LYS A 220 -17.95 32.87 8.77
CA LYS A 220 -18.96 33.93 8.68
C LYS A 220 -19.78 34.01 9.96
N THR A 221 -20.10 32.85 10.52
CA THR A 221 -20.88 32.76 11.74
C THR A 221 -20.42 31.55 12.55
N ILE A 222 -20.56 31.64 13.87
CA ILE A 222 -20.25 30.54 14.76
C ILE A 222 -21.41 30.31 15.75
N PHE A 223 -22.02 29.12 15.67
CA PHE A 223 -23.20 28.82 16.48
C PHE A 223 -22.76 28.04 17.71
N THR A 224 -23.17 28.52 18.88
CA THR A 224 -22.60 28.09 20.15
C THR A 224 -23.65 27.59 21.14
N GLY A 225 -24.67 26.92 20.63
CA GLY A 225 -25.79 26.49 21.47
C GLY A 225 -25.53 25.25 22.29
N HIS A 226 -24.79 24.31 21.72
CA HIS A 226 -24.52 23.04 22.40
C HIS A 226 -23.58 23.24 23.59
N THR A 227 -23.71 22.37 24.58
CA THR A 227 -22.87 22.41 25.77
C THR A 227 -21.94 21.19 25.81
N ALA A 228 -21.74 20.58 24.65
CA ALA A 228 -20.89 19.38 24.53
C ALA A 228 -20.46 19.19 23.08
N VAL A 229 -19.66 18.16 22.84
CA VAL A 229 -19.18 17.85 21.49
C VAL A 229 -20.33 17.75 20.48
N VAL A 230 -20.23 18.54 19.40
CA VAL A 230 -21.21 18.50 18.31
C VAL A 230 -20.76 17.43 17.32
N GLU A 231 -21.62 16.42 17.09
CA GLU A 231 -21.25 15.23 16.32
C GLU A 231 -21.59 15.32 14.84
N ASP A 232 -22.70 15.97 14.52
CA ASP A 232 -23.13 16.10 13.12
C ASP A 232 -23.93 17.36 12.89
N VAL A 233 -23.95 17.77 11.64
CA VAL A 233 -24.68 18.95 11.21
C VAL A 233 -25.17 18.69 9.78
N SER A 234 -26.34 19.23 9.45
CA SER A 234 -26.92 19.00 8.14
C SER A 234 -27.91 20.10 7.77
N TRP A 235 -27.78 20.61 6.56
CA TRP A 235 -28.72 21.58 6.02
C TRP A 235 -30.07 20.92 5.73
N HIS A 236 -31.15 21.67 5.84
CA HIS A 236 -32.43 21.24 5.29
C HIS A 236 -32.28 21.29 3.77
N LEU A 237 -32.97 20.41 3.08
CA LEU A 237 -32.75 20.19 1.65
C LEU A 237 -33.52 21.15 0.73
N LEU A 238 -34.58 21.78 1.27
CA LEU A 238 -35.37 22.78 0.54
C LEU A 238 -35.25 24.22 1.06
N HIS A 239 -34.93 24.38 2.34
CA HIS A 239 -34.99 25.69 2.99
C HIS A 239 -33.58 26.14 3.33
N GLU A 240 -33.11 27.11 2.56
CA GLU A 240 -31.71 27.52 2.58
C GLU A 240 -31.22 28.12 3.91
N SER A 241 -32.13 28.56 4.76
CA SER A 241 -31.77 29.18 6.03
C SER A 241 -31.84 28.22 7.22
N LEU A 242 -32.41 27.03 7.01
CA LEU A 242 -32.59 26.07 8.10
C LEU A 242 -31.53 24.99 8.09
N PHE A 243 -31.10 24.57 9.27
CA PHE A 243 -30.23 23.42 9.39
C PHE A 243 -30.33 22.82 10.78
N GLY A 244 -29.99 21.54 10.88
CA GLY A 244 -30.07 20.82 12.16
C GLY A 244 -28.69 20.45 12.67
N SER A 245 -28.57 20.22 13.97
CA SER A 245 -27.34 19.74 14.58
C SER A 245 -27.65 18.79 15.72
N VAL A 246 -26.70 17.92 16.03
CA VAL A 246 -26.85 16.95 17.12
C VAL A 246 -25.53 16.85 17.88
N ALA A 247 -25.60 16.44 19.15
CA ALA A 247 -24.43 16.53 20.03
C ALA A 247 -24.47 15.57 21.22
N ASP A 248 -23.34 15.51 21.94
CA ASP A 248 -23.20 14.65 23.12
C ASP A 248 -24.02 15.14 24.34
N ASP A 249 -24.60 16.33 24.22
CA ASP A 249 -25.53 16.84 25.23
C ASP A 249 -26.95 16.27 25.07
N GLN A 250 -27.09 15.24 24.23
CA GLN A 250 -28.36 14.52 24.00
C GLN A 250 -29.43 15.34 23.25
N LYS A 251 -29.04 16.44 22.62
CA LYS A 251 -29.99 17.37 22.04
C LYS A 251 -29.96 17.43 20.51
N LEU A 252 -31.14 17.64 19.94
CA LEU A 252 -31.30 17.97 18.53
C LEU A 252 -31.67 19.43 18.48
N MET A 253 -30.98 20.19 17.63
CA MET A 253 -31.22 21.63 17.52
C MET A 253 -31.51 22.02 16.09
N ILE A 254 -32.58 22.80 15.91
CA ILE A 254 -32.88 23.38 14.61
C ILE A 254 -32.48 24.87 14.61
N TRP A 255 -31.74 25.26 13.58
CA TRP A 255 -31.11 26.57 13.53
C TRP A 255 -31.62 27.38 12.34
N ASP A 256 -31.72 28.69 12.53
CA ASP A 256 -32.07 29.61 11.45
C ASP A 256 -30.93 30.61 11.29
N THR A 257 -30.36 30.69 10.09
CA THR A 257 -29.19 31.54 9.84
C THR A 257 -29.54 33.04 9.90
N ARG A 258 -30.80 33.34 9.61
CA ARG A 258 -31.30 34.72 9.64
C ARG A 258 -31.47 35.27 11.06
N SER A 259 -31.50 34.38 12.06
CA SER A 259 -31.63 34.78 13.47
C SER A 259 -30.39 35.53 13.96
N ASN A 260 -30.63 36.52 14.82
CA ASN A 260 -29.59 37.37 15.36
C ASN A 260 -28.88 36.80 16.58
N ASN A 261 -29.46 35.78 17.21
CA ASN A 261 -28.79 35.13 18.33
C ASN A 261 -28.24 33.75 17.93
N THR A 262 -26.92 33.62 17.92
CA THR A 262 -26.24 32.41 17.49
C THR A 262 -25.90 31.48 18.66
N SER A 263 -26.25 31.87 19.89
CA SER A 263 -26.08 31.03 21.08
C SER A 263 -27.32 30.23 21.42
N LYS A 264 -28.42 30.51 20.73
CA LYS A 264 -29.68 29.82 20.94
C LYS A 264 -30.26 29.36 19.59
N PRO A 265 -30.61 28.06 19.50
CA PRO A 265 -31.28 27.57 18.30
C PRO A 265 -32.73 28.04 18.24
N SER A 266 -33.34 27.96 17.06
CA SER A 266 -34.78 28.21 16.93
C SER A 266 -35.58 27.22 17.78
N HIS A 267 -35.15 25.96 17.78
CA HIS A 267 -35.78 24.91 18.59
C HIS A 267 -34.72 23.96 19.15
N SER A 268 -35.00 23.43 20.32
CA SER A 268 -34.13 22.48 20.99
C SER A 268 -34.97 21.31 21.49
N VAL A 269 -34.48 20.09 21.30
CA VAL A 269 -35.22 18.87 21.65
C VAL A 269 -34.30 17.92 22.40
N ASP A 270 -34.80 17.33 23.48
CA ASP A 270 -34.11 16.22 24.12
C ASP A 270 -34.48 14.95 23.34
N ALA A 271 -33.61 14.61 22.40
CA ALA A 271 -33.92 13.57 21.43
C ALA A 271 -33.64 12.16 21.93
N HIS A 272 -32.64 12.02 22.79
CA HIS A 272 -32.16 10.68 23.18
C HIS A 272 -31.71 10.61 24.63
N THR A 273 -31.52 9.37 25.10
CA THR A 273 -31.02 9.10 26.46
C THR A 273 -29.49 9.02 26.51
N ALA A 274 -28.83 9.44 25.43
CA ALA A 274 -27.37 9.42 25.33
C ALA A 274 -26.93 10.32 24.17
N GLU A 275 -25.62 10.33 23.89
CA GLU A 275 -25.05 11.10 22.79
C GLU A 275 -25.81 10.90 21.48
N VAL A 276 -26.05 12.00 20.77
CA VAL A 276 -26.69 11.96 19.47
C VAL A 276 -25.60 12.21 18.43
N ASN A 277 -25.35 11.19 17.61
CA ASN A 277 -24.18 11.15 16.75
C ASN A 277 -24.42 11.55 15.29
N CYS A 278 -25.66 11.43 14.82
CA CYS A 278 -25.93 11.71 13.42
C CYS A 278 -27.35 12.16 13.19
N LEU A 279 -27.57 12.81 12.04
CA LEU A 279 -28.92 13.15 11.59
C LEU A 279 -28.99 13.16 10.06
N SER A 280 -30.21 13.15 9.53
CA SER A 280 -30.44 13.15 8.09
C SER A 280 -31.89 13.54 7.77
N PHE A 281 -32.05 14.52 6.88
CA PHE A 281 -33.37 14.95 6.44
C PHE A 281 -33.86 14.05 5.31
N ASN A 282 -35.13 13.66 5.38
CA ASN A 282 -35.77 12.91 4.32
C ASN A 282 -35.82 13.77 3.04
N PRO A 283 -35.32 13.22 1.92
CA PRO A 283 -35.21 13.98 0.67
C PRO A 283 -36.54 14.16 -0.09
N TYR A 284 -37.59 13.48 0.34
CA TYR A 284 -38.91 13.60 -0.28
C TYR A 284 -39.90 14.35 0.61
N SER A 285 -39.87 14.07 1.90
CA SER A 285 -40.82 14.64 2.85
C SER A 285 -40.16 15.75 3.66
N GLU A 286 -40.51 16.99 3.35
CA GLU A 286 -39.79 18.16 3.86
C GLU A 286 -39.83 18.39 5.37
N PHE A 287 -40.67 17.64 6.08
CA PHE A 287 -40.80 17.81 7.53
C PHE A 287 -40.20 16.67 8.35
N ILE A 288 -39.77 15.61 7.67
CA ILE A 288 -39.29 14.42 8.37
C ILE A 288 -37.77 14.42 8.44
N LEU A 289 -37.24 13.96 9.56
CA LEU A 289 -35.80 13.74 9.71
C LEU A 289 -35.51 12.64 10.73
N ALA A 290 -34.34 12.05 10.62
CA ALA A 290 -33.90 10.99 11.53
C ALA A 290 -32.71 11.45 12.36
N THR A 291 -32.55 10.84 13.53
CA THR A 291 -31.33 11.00 14.32
C THR A 291 -30.90 9.63 14.86
N GLY A 292 -29.60 9.37 14.87
CA GLY A 292 -29.03 8.16 15.48
C GLY A 292 -28.28 8.49 16.75
N SER A 293 -28.16 7.52 17.64
CA SER A 293 -27.63 7.78 18.98
C SER A 293 -26.91 6.60 19.61
N ALA A 294 -26.18 6.91 20.68
CA ALA A 294 -25.50 5.91 21.48
C ALA A 294 -26.48 5.05 22.30
N ASP A 295 -27.72 5.52 22.43
CA ASP A 295 -28.78 4.72 23.06
C ASP A 295 -29.28 3.59 22.17
N LYS A 296 -28.62 3.40 21.02
CA LYS A 296 -28.85 2.26 20.13
C LYS A 296 -30.13 2.38 19.31
N THR A 297 -30.69 3.58 19.22
CA THR A 297 -31.92 3.81 18.48
C THR A 297 -31.75 4.89 17.42
N VAL A 298 -32.54 4.76 16.35
CA VAL A 298 -32.78 5.85 15.42
C VAL A 298 -34.17 6.42 15.74
N ALA A 299 -34.23 7.72 16.03
CA ALA A 299 -35.50 8.39 16.32
C ALA A 299 -36.00 9.14 15.09
N LEU A 300 -37.32 9.28 14.98
CA LEU A 300 -37.95 9.93 13.83
C LEU A 300 -38.69 11.18 14.28
N TRP A 301 -38.52 12.29 13.54
CA TRP A 301 -39.05 13.58 13.98
C TRP A 301 -39.85 14.27 12.90
N ASP A 302 -40.83 15.06 13.34
CA ASP A 302 -41.54 16.00 12.49
C ASP A 302 -41.15 17.38 12.97
N LEU A 303 -40.67 18.21 12.05
CA LEU A 303 -40.19 19.55 12.39
C LEU A 303 -41.32 20.45 12.91
N ARG A 304 -42.54 20.15 12.49
CA ARG A 304 -43.69 20.93 12.90
C ARG A 304 -44.19 20.60 14.31
N ASN A 305 -43.68 19.52 14.91
CA ASN A 305 -43.97 19.23 16.32
C ASN A 305 -42.89 18.37 16.95
N LEU A 306 -41.84 19.03 17.42
CA LEU A 306 -40.66 18.36 17.96
C LEU A 306 -40.79 17.89 19.41
N LYS A 307 -41.92 18.17 20.06
CA LYS A 307 -42.17 17.65 21.41
C LYS A 307 -42.38 16.13 21.37
N LEU A 308 -42.98 15.66 20.28
CA LEU A 308 -43.34 14.25 20.14
C LEU A 308 -42.41 13.54 19.15
N LYS A 309 -41.62 12.61 19.68
CA LYS A 309 -40.87 11.69 18.86
C LYS A 309 -41.90 10.80 18.17
N LEU A 310 -41.79 10.69 16.85
CA LEU A 310 -42.74 9.93 16.07
C LEU A 310 -42.57 8.43 16.26
N HIS A 311 -41.32 7.97 16.30
CA HIS A 311 -41.00 6.56 16.31
C HIS A 311 -39.56 6.32 16.74
N SER A 312 -39.31 5.13 17.25
CA SER A 312 -37.99 4.69 17.60
C SER A 312 -37.71 3.34 16.89
N PHE A 313 -36.66 3.32 16.07
CA PHE A 313 -36.20 2.10 15.41
C PHE A 313 -35.23 1.39 16.33
N GLU A 314 -35.62 0.23 16.84
CA GLU A 314 -34.80 -0.50 17.81
C GLU A 314 -34.35 -1.84 17.24
N SER A 315 -33.14 -2.25 17.61
CA SER A 315 -32.50 -3.54 17.18
C SER A 315 -30.98 -3.50 17.22
N HIS A 316 -30.40 -2.35 16.87
CA HIS A 316 -28.95 -2.20 16.87
C HIS A 316 -28.32 -2.64 18.20
N LYS A 317 -27.23 -3.40 18.11
CA LYS A 317 -26.62 -4.00 19.29
C LYS A 317 -25.57 -3.12 19.96
N ASP A 318 -25.34 -1.93 19.41
CA ASP A 318 -24.35 -1.00 19.95
C ASP A 318 -24.63 0.42 19.42
N GLU A 319 -23.76 1.36 19.74
CA GLU A 319 -23.96 2.76 19.36
C GLU A 319 -24.11 2.94 17.84
N ILE A 320 -24.91 3.92 17.46
CA ILE A 320 -25.14 4.26 16.06
C ILE A 320 -24.42 5.56 15.74
N PHE A 321 -23.72 5.60 14.61
CA PHE A 321 -22.95 6.79 14.22
C PHE A 321 -23.35 7.38 12.86
N GLN A 322 -24.09 6.66 12.05
CA GLN A 322 -24.49 7.18 10.75
C GLN A 322 -25.92 6.80 10.42
N VAL A 323 -26.60 7.70 9.71
CA VAL A 323 -27.97 7.45 9.26
C VAL A 323 -28.18 8.15 7.93
N GLN A 324 -28.74 7.44 6.95
CA GLN A 324 -28.98 8.02 5.62
C GLN A 324 -30.27 7.49 5.01
N TRP A 325 -31.03 8.38 4.41
CA TRP A 325 -32.25 8.01 3.70
C TRP A 325 -31.89 7.51 2.33
N SER A 326 -32.72 6.61 1.79
CA SER A 326 -32.59 6.19 0.41
C SER A 326 -32.81 7.39 -0.51
N PRO A 327 -32.03 7.50 -1.59
CA PRO A 327 -32.32 8.61 -2.50
C PRO A 327 -33.50 8.31 -3.43
N HIS A 328 -33.97 7.07 -3.45
CA HIS A 328 -35.02 6.61 -4.38
C HIS A 328 -36.37 6.24 -3.74
N ASN A 329 -36.38 6.02 -2.43
CA ASN A 329 -37.57 5.53 -1.72
C ASN A 329 -37.76 6.24 -0.39
N GLU A 330 -38.77 7.09 -0.31
CA GLU A 330 -38.99 7.93 0.86
C GLU A 330 -39.14 7.14 2.16
N THR A 331 -39.64 5.90 2.07
CA THR A 331 -39.88 5.09 3.27
C THR A 331 -38.65 4.33 3.76
N ILE A 332 -37.57 4.40 3.00
CA ILE A 332 -36.40 3.56 3.25
C ILE A 332 -35.23 4.37 3.78
N LEU A 333 -34.65 3.91 4.88
CA LEU A 333 -33.44 4.50 5.42
C LEU A 333 -32.51 3.42 5.93
N ALA A 334 -31.29 3.82 6.26
CA ALA A 334 -30.30 2.89 6.75
C ALA A 334 -29.49 3.53 7.85
N SER A 335 -28.95 2.69 8.73
CA SER A 335 -28.15 3.16 9.86
C SER A 335 -26.96 2.23 10.12
N SER A 336 -25.91 2.76 10.74
CA SER A 336 -24.71 2.00 11.08
C SER A 336 -23.99 2.58 12.29
N GLY A 337 -23.06 1.83 12.84
CA GLY A 337 -22.29 2.26 14.00
C GLY A 337 -21.20 1.31 14.47
N THR A 338 -21.08 1.17 15.78
CA THR A 338 -19.98 0.44 16.42
C THR A 338 -20.07 -1.06 16.18
N ASP A 339 -21.28 -1.59 16.23
CA ASP A 339 -21.49 -3.00 15.88
C ASP A 339 -21.26 -3.17 14.38
N ARG A 340 -20.84 -4.36 13.99
CA ARG A 340 -20.48 -4.64 12.60
C ARG A 340 -21.66 -4.66 11.62
N ARG A 341 -22.89 -4.71 12.13
CA ARG A 341 -24.10 -4.84 11.30
C ARG A 341 -24.61 -3.47 10.83
N LEU A 342 -25.09 -3.42 9.58
CA LEU A 342 -25.76 -2.24 9.03
C LEU A 342 -27.23 -2.57 8.78
N ASN A 343 -28.13 -1.79 9.36
CA ASN A 343 -29.58 -2.05 9.28
C ASN A 343 -30.26 -1.18 8.25
N VAL A 344 -31.18 -1.78 7.49
CA VAL A 344 -32.03 -1.05 6.55
C VAL A 344 -33.48 -1.11 7.00
N TRP A 345 -34.10 0.06 7.15
CA TRP A 345 -35.44 0.18 7.71
C TRP A 345 -36.45 0.56 6.64
N ASP A 346 -37.71 0.23 6.90
CA ASP A 346 -38.82 0.56 6.00
C ASP A 346 -39.99 1.05 6.83
N LEU A 347 -40.20 2.36 6.88
CA LEU A 347 -41.23 2.94 7.77
C LEU A 347 -42.69 2.58 7.40
N SER A 348 -42.94 2.15 6.17
CA SER A 348 -44.28 1.73 5.77
C SER A 348 -44.73 0.45 6.49
N LYS A 349 -43.76 -0.35 6.95
CA LYS A 349 -44.03 -1.60 7.61
C LYS A 349 -44.13 -1.47 9.14
N ILE A 350 -44.17 -0.24 9.65
CA ILE A 350 -44.33 -0.01 11.09
C ILE A 350 -45.70 -0.49 11.57
N GLY A 351 -45.71 -1.21 12.69
CA GLY A 351 -46.96 -1.69 13.29
C GLY A 351 -47.56 -2.96 12.71
N GLU A 352 -47.00 -3.49 11.61
CA GLU A 352 -47.47 -4.75 11.02
C GLU A 352 -47.25 -5.89 12.02
N GLU A 353 -48.32 -6.61 12.33
CA GLU A 353 -48.26 -7.66 13.35
C GLU A 353 -47.36 -8.82 12.91
N GLN A 354 -46.63 -9.38 13.87
CA GLN A 354 -45.61 -10.41 13.64
C GLN A 354 -45.81 -11.62 14.53
N SER A 355 -45.38 -12.79 14.03
CA SER A 355 -45.29 -13.99 14.86
C SER A 355 -44.13 -13.84 15.86
N PRO A 356 -44.16 -14.61 16.96
CA PRO A 356 -43.06 -14.53 17.95
C PRO A 356 -41.68 -14.90 17.37
N GLU A 357 -41.67 -15.79 16.38
CA GLU A 357 -40.41 -16.26 15.77
C GLU A 357 -39.73 -15.14 14.99
N ASP A 358 -40.52 -14.37 14.25
CA ASP A 358 -40.02 -13.19 13.53
C ASP A 358 -39.67 -12.05 14.47
N ALA A 359 -40.47 -11.85 15.51
CA ALA A 359 -40.23 -10.78 16.48
C ALA A 359 -38.89 -10.92 17.21
N GLU A 360 -38.37 -12.14 17.30
CA GLU A 360 -37.02 -12.39 17.83
C GLU A 360 -35.91 -11.69 17.04
N ASP A 361 -36.11 -11.55 15.74
CA ASP A 361 -35.11 -10.94 14.83
C ASP A 361 -35.18 -9.41 14.78
N GLY A 362 -36.28 -8.83 15.25
CA GLY A 362 -36.46 -7.38 15.30
C GLY A 362 -37.89 -6.97 14.98
N PRO A 363 -38.15 -5.65 14.97
CA PRO A 363 -39.47 -5.14 14.61
C PRO A 363 -39.71 -5.22 13.09
N PRO A 364 -40.99 -5.18 12.68
CA PRO A 364 -41.35 -5.44 11.28
C PRO A 364 -40.77 -4.42 10.29
N GLU A 365 -40.50 -3.19 10.74
CA GLU A 365 -39.91 -2.17 9.88
C GLU A 365 -38.42 -2.38 9.59
N LEU A 366 -37.80 -3.37 10.24
CA LEU A 366 -36.42 -3.76 9.93
C LEU A 366 -36.42 -4.66 8.71
N LEU A 367 -35.99 -4.11 7.58
CA LEU A 367 -36.06 -4.80 6.29
C LEU A 367 -34.88 -5.75 6.09
N PHE A 368 -33.68 -5.25 6.34
CA PHE A 368 -32.45 -5.97 6.04
C PHE A 368 -31.37 -5.69 7.08
N ILE A 369 -30.64 -6.74 7.44
CA ILE A 369 -29.41 -6.59 8.23
C ILE A 369 -28.24 -7.04 7.38
N HIS A 370 -27.37 -6.09 7.02
CA HIS A 370 -26.16 -6.40 6.28
C HIS A 370 -25.08 -6.87 7.25
N GLY A 371 -24.67 -8.13 7.10
CA GLY A 371 -23.67 -8.74 8.00
C GLY A 371 -22.31 -8.97 7.36
N GLY A 372 -22.01 -8.25 6.29
CA GLY A 372 -20.77 -8.44 5.55
C GLY A 372 -19.50 -7.93 6.22
N HIS A 373 -19.64 -7.00 7.16
CA HIS A 373 -18.47 -6.42 7.85
C HIS A 373 -18.12 -7.19 9.12
N THR A 374 -16.85 -7.09 9.52
CA THR A 374 -16.34 -7.75 10.73
C THR A 374 -15.68 -6.74 11.68
N ALA A 375 -16.07 -5.47 11.56
CA ALA A 375 -15.50 -4.41 12.38
C ALA A 375 -16.40 -3.19 12.30
N LYS A 376 -16.24 -2.27 13.25
CA LYS A 376 -17.03 -1.04 13.29
C LYS A 376 -17.13 -0.40 11.90
N ILE A 377 -18.35 -0.01 11.53
CA ILE A 377 -18.58 0.70 10.28
C ILE A 377 -18.42 2.20 10.52
N SER A 378 -17.53 2.83 9.78
CA SER A 378 -17.23 4.24 9.95
C SER A 378 -18.18 5.10 9.14
N ASP A 379 -18.54 4.66 7.95
CA ASP A 379 -19.43 5.43 7.09
C ASP A 379 -20.00 4.56 5.98
N PHE A 380 -21.12 4.98 5.40
CA PHE A 380 -21.65 4.36 4.19
C PHE A 380 -22.36 5.39 3.35
N SER A 381 -22.64 5.04 2.09
CA SER A 381 -23.31 5.93 1.15
C SER A 381 -24.22 5.15 0.20
N TRP A 382 -25.47 5.60 0.03
CA TRP A 382 -26.36 5.06 -0.99
C TRP A 382 -25.98 5.59 -2.36
N ASN A 383 -25.92 4.69 -3.34
CA ASN A 383 -25.62 5.06 -4.72
C ASN A 383 -26.80 5.83 -5.33
N PRO A 384 -26.56 7.08 -5.76
CA PRO A 384 -27.67 7.90 -6.26
C PRO A 384 -28.19 7.48 -7.65
N ASN A 385 -27.39 6.75 -8.42
CA ASN A 385 -27.76 6.36 -9.79
C ASN A 385 -28.21 4.91 -9.97
N GLU A 386 -27.76 4.02 -9.10
CA GLU A 386 -28.22 2.63 -9.10
C GLU A 386 -29.00 2.31 -7.84
N PRO A 387 -30.32 2.22 -7.94
CA PRO A 387 -31.13 2.00 -6.74
C PRO A 387 -30.67 0.81 -5.92
N TRP A 388 -30.71 0.95 -4.60
CA TRP A 388 -30.42 -0.15 -3.65
C TRP A 388 -28.94 -0.53 -3.48
N VAL A 389 -28.05 0.08 -4.25
CA VAL A 389 -26.62 -0.17 -4.11
C VAL A 389 -26.10 0.73 -3.00
N ILE A 390 -25.34 0.13 -2.08
CA ILE A 390 -24.75 0.84 -0.96
C ILE A 390 -23.24 0.62 -0.96
N CYS A 391 -22.48 1.65 -0.59
CA CYS A 391 -21.06 1.48 -0.30
C CYS A 391 -20.84 1.69 1.19
N SER A 392 -20.25 0.70 1.86
CA SER A 392 -19.94 0.82 3.29
C SER A 392 -18.47 0.49 3.59
N VAL A 393 -17.86 1.28 4.49
CA VAL A 393 -16.45 1.13 4.88
C VAL A 393 -16.27 0.92 6.39
N SER A 394 -15.33 0.05 6.76
CA SER A 394 -15.10 -0.28 8.16
C SER A 394 -13.65 -0.07 8.58
N GLU A 395 -13.40 -0.15 9.89
CA GLU A 395 -12.10 0.15 10.49
C GLU A 395 -10.99 -0.81 10.13
N ASP A 396 -11.34 -2.02 9.67
CA ASP A 396 -10.35 -3.05 9.34
C ASP A 396 -9.88 -3.00 7.88
N ASN A 397 -10.12 -1.86 7.20
CA ASN A 397 -9.74 -1.64 5.78
C ASN A 397 -10.78 -2.08 4.76
N ILE A 398 -11.82 -2.79 5.18
CA ILE A 398 -12.77 -3.36 4.23
C ILE A 398 -13.70 -2.28 3.68
N MET A 399 -13.87 -2.31 2.36
CA MET A 399 -14.91 -1.55 1.68
C MET A 399 -15.79 -2.54 0.95
N GLN A 400 -17.09 -2.45 1.16
CA GLN A 400 -18.05 -3.28 0.44
C GLN A 400 -19.00 -2.43 -0.41
N VAL A 401 -19.23 -2.88 -1.64
CA VAL A 401 -20.29 -2.33 -2.50
C VAL A 401 -21.30 -3.45 -2.71
N TRP A 402 -22.52 -3.23 -2.26
CA TRP A 402 -23.48 -4.32 -2.21
C TRP A 402 -24.89 -3.87 -2.50
N GLN A 403 -25.73 -4.86 -2.78
CA GLN A 403 -27.12 -4.64 -3.12
C GLN A 403 -27.90 -5.87 -2.71
N MET A 404 -28.89 -5.70 -1.83
CA MET A 404 -29.69 -6.83 -1.39
C MET A 404 -30.52 -7.39 -2.55
N ALA A 405 -30.93 -8.64 -2.43
CA ALA A 405 -31.72 -9.30 -3.48
C ALA A 405 -33.09 -8.63 -3.65
N GLU A 406 -33.52 -8.52 -4.90
CA GLU A 406 -34.74 -7.77 -5.24
C GLU A 406 -35.98 -8.23 -4.45
N ASN A 407 -36.13 -9.53 -4.27
CA ASN A 407 -37.34 -10.07 -3.62
C ASN A 407 -37.46 -9.77 -2.12
N ILE A 408 -36.38 -9.28 -1.51
CA ILE A 408 -36.42 -8.80 -0.14
C ILE A 408 -37.35 -7.58 -0.02
N TYR A 409 -37.14 -6.58 -0.88
CA TYR A 409 -37.93 -5.34 -0.87
C TYR A 409 -39.07 -5.35 -1.88
N ASN A 410 -38.98 -6.20 -2.89
CA ASN A 410 -40.01 -6.31 -3.93
C ASN A 410 -40.87 -7.56 -3.70
N ASP A 411 -41.76 -7.47 -2.71
CA ASP A 411 -42.58 -8.59 -2.20
C ASP A 411 -41.69 -9.70 -1.62
N ALA B 7 4.44 -16.93 18.65
CA ALA B 7 3.66 -17.46 19.82
C ALA B 7 4.55 -17.54 21.08
N PHE B 8 5.62 -18.32 20.98
CA PHE B 8 6.59 -18.50 22.07
C PHE B 8 7.99 -18.33 21.48
N ASP B 9 8.22 -17.13 20.94
CA ASP B 9 9.39 -16.80 20.13
C ASP B 9 10.47 -16.07 20.94
N ASP B 10 11.63 -15.86 20.30
CA ASP B 10 12.74 -15.13 20.92
C ASP B 10 12.51 -13.62 20.80
N ALA B 11 11.76 -13.07 21.74
CA ALA B 11 11.44 -11.65 21.75
C ALA B 11 12.61 -10.77 22.21
N VAL B 12 13.57 -11.34 22.94
CA VAL B 12 14.73 -10.58 23.43
C VAL B 12 15.71 -10.21 22.31
N GLU B 13 15.98 -11.15 21.41
CA GLU B 13 16.86 -10.86 20.27
C GLU B 13 16.23 -9.82 19.35
N GLU B 14 14.91 -9.86 19.21
CA GLU B 14 14.18 -8.82 18.46
C GLU B 14 14.35 -7.46 19.12
N ARG B 15 14.26 -7.43 20.45
CA ARG B 15 14.45 -6.21 21.21
C ARG B 15 15.88 -5.69 21.08
N VAL B 16 16.86 -6.61 21.08
CA VAL B 16 18.27 -6.23 20.95
C VAL B 16 18.54 -5.59 19.58
N ILE B 17 18.05 -6.24 18.53
CA ILE B 17 18.23 -5.72 17.17
C ILE B 17 17.69 -4.30 17.03
N ASN B 18 16.52 -4.05 17.63
CA ASN B 18 15.91 -2.73 17.56
C ASN B 18 16.70 -1.70 18.35
N GLU B 19 17.26 -2.11 19.49
CA GLU B 19 18.09 -1.21 20.29
C GLU B 19 19.43 -0.92 19.59
N GLU B 20 19.97 -1.93 18.92
CA GLU B 20 21.23 -1.77 18.18
C GLU B 20 21.05 -0.89 16.94
N TYR B 21 19.88 -0.99 16.30
CA TYR B 21 19.50 -0.09 15.22
C TYR B 21 19.47 1.37 15.67
N LYS B 22 18.90 1.64 16.83
CA LYS B 22 18.87 2.98 17.43
C LYS B 22 20.26 3.57 17.63
N ILE B 23 21.22 2.73 17.99
CA ILE B 23 22.60 3.16 18.17
C ILE B 23 23.24 3.49 16.82
N TRP B 24 22.99 2.64 15.83
CA TRP B 24 23.49 2.86 14.47
C TRP B 24 22.93 4.14 13.86
N LYS B 25 21.63 4.38 14.06
CA LYS B 25 20.95 5.57 13.54
C LYS B 25 21.60 6.82 14.06
N LYS B 26 21.79 6.86 15.38
CA LYS B 26 22.44 8.00 16.05
C LYS B 26 23.85 8.25 15.50
N ASN B 27 24.54 7.18 15.12
CA ASN B 27 25.90 7.28 14.58
C ASN B 27 26.00 7.79 13.14
N THR B 28 24.92 7.73 12.37
CA THR B 28 25.03 7.88 10.90
C THR B 28 25.78 9.12 10.41
N PRO B 29 25.61 10.29 11.07
CA PRO B 29 26.35 11.47 10.60
C PRO B 29 27.88 11.35 10.65
N PHE B 30 28.38 10.46 11.51
CA PHE B 30 29.82 10.14 11.57
C PHE B 30 30.28 9.25 10.43
N LEU B 31 29.49 8.21 10.11
CA LEU B 31 29.92 7.15 9.16
C LEU B 31 29.43 7.31 7.71
N TYR B 32 28.37 8.08 7.48
CA TYR B 32 27.82 8.22 6.14
C TYR B 32 27.81 9.65 5.59
N ASP B 33 28.02 9.77 4.28
CA ASP B 33 27.74 11.02 3.57
C ASP B 33 26.29 11.05 3.14
N LEU B 34 25.74 9.88 2.88
CA LEU B 34 24.35 9.76 2.50
C LEU B 34 23.75 8.52 3.13
N VAL B 35 22.59 8.68 3.74
CA VAL B 35 21.83 7.57 4.28
C VAL B 35 20.33 7.88 4.19
N MET B 36 19.62 7.09 3.39
CA MET B 36 18.15 7.16 3.26
C MET B 36 17.56 5.81 3.58
N THR B 37 16.47 5.80 4.34
CA THR B 37 15.72 4.59 4.59
C THR B 37 14.28 4.82 4.17
N HIS B 38 13.71 3.85 3.45
CA HIS B 38 12.41 3.98 2.85
C HIS B 38 11.66 2.66 3.06
N ALA B 39 10.38 2.77 3.44
CA ALA B 39 9.56 1.59 3.68
C ALA B 39 8.68 1.33 2.47
N LEU B 40 9.00 0.26 1.75
CA LEU B 40 8.21 -0.14 0.59
C LEU B 40 6.93 -0.77 1.08
N GLU B 41 5.88 -0.73 0.27
CA GLU B 41 4.62 -1.33 0.64
C GLU B 41 4.83 -2.83 0.93
N TRP B 42 5.59 -3.47 0.06
CA TRP B 42 5.96 -4.86 0.20
C TRP B 42 7.47 -5.01 0.13
N PRO B 43 8.02 -6.07 0.74
CA PRO B 43 9.46 -6.23 0.63
C PRO B 43 9.81 -6.56 -0.82
N SER B 44 11.04 -6.25 -1.20
CA SER B 44 11.56 -6.59 -2.52
C SER B 44 12.67 -7.62 -2.38
N LEU B 45 12.61 -8.67 -3.20
CA LEU B 45 13.64 -9.69 -3.23
C LEU B 45 14.82 -9.29 -4.10
N THR B 46 14.67 -8.22 -4.87
CA THR B 46 15.62 -7.86 -5.91
C THR B 46 15.86 -6.35 -5.98
N ALA B 47 17.05 -5.99 -6.44
CA ALA B 47 17.42 -4.58 -6.57
C ALA B 47 18.55 -4.42 -7.59
N GLN B 48 18.31 -3.56 -8.59
CA GLN B 48 19.32 -3.24 -9.60
C GLN B 48 19.14 -1.82 -10.08
N TRP B 49 20.19 -1.02 -9.98
CA TRP B 49 20.19 0.32 -10.54
C TRP B 49 20.15 0.18 -12.06
N LEU B 50 19.31 0.98 -12.71
CA LEU B 50 19.34 1.13 -14.16
C LEU B 50 20.51 2.03 -14.48
N PRO B 51 21.01 1.99 -15.73
CA PRO B 51 22.25 2.71 -16.04
C PRO B 51 22.09 4.20 -16.30
N ASP B 52 20.86 4.66 -16.60
CA ASP B 52 20.63 6.06 -16.96
C ASP B 52 20.59 6.99 -15.76
N VAL B 53 21.05 8.22 -15.97
CA VAL B 53 20.92 9.26 -14.97
C VAL B 53 20.59 10.57 -15.69
N THR B 54 19.65 11.33 -15.12
CA THR B 54 19.27 12.63 -15.68
C THR B 54 19.64 13.73 -14.71
N ARG B 55 19.99 14.89 -15.24
CA ARG B 55 20.43 16.04 -14.46
C ARG B 55 19.62 17.30 -14.83
N PRO B 56 18.38 17.41 -14.29
CA PRO B 56 17.50 18.51 -14.72
C PRO B 56 18.13 19.89 -14.59
N GLU B 57 17.68 20.82 -15.45
CA GLU B 57 18.31 22.13 -15.60
C GLU B 57 18.30 22.96 -14.31
N GLY B 58 19.48 23.41 -13.89
CA GLY B 58 19.63 24.33 -12.75
C GLY B 58 19.12 23.85 -11.41
N LYS B 59 19.14 22.53 -11.19
CA LYS B 59 18.67 21.94 -9.94
C LYS B 59 19.84 21.32 -9.21
N ASP B 60 19.69 21.12 -7.89
CA ASP B 60 20.81 20.68 -7.07
C ASP B 60 20.88 19.14 -6.88
N PHE B 61 20.07 18.40 -7.63
CA PHE B 61 20.04 16.95 -7.53
C PHE B 61 20.05 16.27 -8.90
N SER B 62 20.33 14.97 -8.89
CA SER B 62 20.21 14.14 -10.08
C SER B 62 19.22 13.01 -9.79
N ILE B 63 18.63 12.46 -10.84
CA ILE B 63 17.60 11.43 -10.73
C ILE B 63 18.12 10.11 -11.26
N HIS B 64 18.09 9.09 -10.40
CA HIS B 64 18.58 7.76 -10.74
C HIS B 64 17.41 6.81 -10.59
N ARG B 65 17.53 5.61 -11.17
CA ARG B 65 16.40 4.68 -11.22
C ARG B 65 16.77 3.24 -10.83
N LEU B 66 15.85 2.58 -10.14
CA LEU B 66 16.00 1.21 -9.65
C LEU B 66 14.94 0.28 -10.24
N VAL B 67 15.36 -0.95 -10.56
CA VAL B 67 14.42 -2.02 -10.86
C VAL B 67 14.18 -2.75 -9.56
N LEU B 68 12.91 -2.83 -9.15
CA LEU B 68 12.50 -3.50 -7.93
C LEU B 68 11.35 -4.46 -8.19
N GLY B 69 11.03 -5.25 -7.18
CA GLY B 69 9.87 -6.13 -7.20
C GLY B 69 9.14 -6.12 -5.87
N THR B 70 8.01 -6.81 -5.83
CA THR B 70 7.26 -6.97 -4.59
C THR B 70 7.26 -8.43 -4.17
N HIS B 71 7.04 -8.66 -2.88
CA HIS B 71 6.86 -10.02 -2.35
C HIS B 71 5.63 -10.07 -1.44
N THR B 72 4.48 -10.38 -2.04
CA THR B 72 3.21 -10.55 -1.33
C THR B 72 2.82 -12.02 -1.36
N SER B 73 2.37 -12.55 -0.23
CA SER B 73 1.87 -13.93 -0.18
C SER B 73 0.48 -14.05 -0.87
N ASP B 74 -0.46 -13.18 -0.50
CA ASP B 74 -1.86 -13.26 -0.96
C ASP B 74 -2.27 -12.24 -2.03
N GLU B 75 -1.61 -11.08 -2.03
CA GLU B 75 -2.03 -9.94 -2.84
C GLU B 75 -1.32 -9.89 -4.20
N GLN B 76 -1.71 -8.94 -5.02
CA GLN B 76 -1.13 -8.77 -6.35
C GLN B 76 0.30 -8.24 -6.28
N ASN B 77 1.22 -8.96 -6.90
CA ASN B 77 2.61 -8.53 -7.00
C ASN B 77 2.83 -7.68 -8.24
N HIS B 78 3.92 -6.92 -8.26
CA HIS B 78 4.27 -6.06 -9.39
C HIS B 78 5.77 -6.03 -9.66
N LEU B 79 6.12 -5.90 -10.94
CA LEU B 79 7.45 -5.45 -11.33
C LEU B 79 7.44 -3.94 -11.19
N VAL B 80 8.46 -3.39 -10.55
CA VAL B 80 8.44 -1.99 -10.14
C VAL B 80 9.67 -1.23 -10.64
N ILE B 81 9.44 -0.01 -11.09
CA ILE B 81 10.53 0.91 -11.37
C ILE B 81 10.40 2.15 -10.49
N ALA B 82 11.48 2.50 -9.79
CA ALA B 82 11.49 3.60 -8.83
C ALA B 82 12.55 4.63 -9.19
N SER B 83 12.28 5.88 -8.81
CA SER B 83 13.24 6.96 -9.00
C SER B 83 13.82 7.32 -7.65
N VAL B 84 15.08 7.75 -7.67
CA VAL B 84 15.80 8.19 -6.47
C VAL B 84 16.58 9.47 -6.81
N GLN B 85 16.32 10.54 -6.07
CA GLN B 85 17.08 11.77 -6.19
C GLN B 85 18.32 11.71 -5.31
N LEU B 86 19.45 12.10 -5.87
CA LEU B 86 20.72 12.15 -5.16
C LEU B 86 21.30 13.57 -5.23
N PRO B 87 21.92 14.05 -4.13
CA PRO B 87 22.38 15.43 -4.11
C PRO B 87 23.67 15.64 -4.88
N ASN B 88 23.76 16.74 -5.61
CA ASN B 88 25.03 17.18 -6.20
C ASN B 88 26.01 17.62 -5.09
N ASP B 89 27.29 17.72 -5.45
CA ASP B 89 28.33 18.09 -4.49
C ASP B 89 28.20 19.52 -3.95
N ASP B 90 27.59 20.41 -4.71
CA ASP B 90 27.40 21.81 -4.29
C ASP B 90 26.10 22.04 -3.52
N ALA B 91 25.30 20.99 -3.34
CA ALA B 91 23.93 21.11 -2.81
C ALA B 91 23.83 21.79 -1.45
N GLN B 92 22.76 22.55 -1.27
CA GLN B 92 22.49 23.27 -0.02
C GLN B 92 21.91 22.30 0.99
N PHE B 93 22.27 22.47 2.26
CA PHE B 93 21.65 21.71 3.34
C PHE B 93 20.25 22.22 3.61
N ASP B 94 19.31 21.30 3.80
CA ASP B 94 17.93 21.65 4.10
C ASP B 94 17.76 21.60 5.61
N ALA B 95 17.65 22.78 6.23
CA ALA B 95 17.58 22.92 7.68
C ALA B 95 16.17 23.13 8.22
N SER B 96 15.15 22.83 7.43
CA SER B 96 13.75 23.08 7.84
C SER B 96 13.16 21.99 8.76
N HIS B 97 13.93 20.93 9.03
CA HIS B 97 13.42 19.76 9.74
C HIS B 97 14.14 19.56 11.08
N TYR B 98 14.23 20.60 11.90
CA TYR B 98 14.88 20.44 13.20
C TYR B 98 14.07 19.53 14.12
N ASP B 99 14.76 18.73 14.94
CA ASP B 99 14.11 17.86 15.93
C ASP B 99 14.72 18.05 17.32
N SER B 100 13.95 18.67 18.21
CA SER B 100 14.39 18.99 19.58
C SER B 100 14.61 17.74 20.43
N GLU B 101 13.82 16.72 20.16
CA GLU B 101 13.97 15.44 20.82
C GLU B 101 15.30 14.81 20.44
N LYS B 102 15.57 14.74 19.15
CA LYS B 102 16.82 14.17 18.68
C LYS B 102 17.98 15.11 18.84
N GLY B 103 17.70 16.41 18.73
CA GLY B 103 18.76 17.40 18.72
C GLY B 103 19.47 17.38 17.39
N GLU B 104 18.72 17.12 16.33
CA GLU B 104 19.30 17.04 15.00
C GLU B 104 18.39 17.56 13.90
N PHE B 105 19.05 18.03 12.85
CA PHE B 105 18.42 18.52 11.65
C PHE B 105 17.91 17.48 10.66
N GLY B 106 18.62 16.36 10.56
CA GLY B 106 18.23 15.32 9.63
C GLY B 106 18.84 15.65 8.30
N GLY B 107 19.51 14.69 7.70
CA GLY B 107 20.19 14.90 6.44
C GLY B 107 19.31 14.75 5.21
N PHE B 108 19.97 14.65 4.07
CA PHE B 108 19.27 14.48 2.80
C PHE B 108 18.44 13.20 2.77
N GLY B 109 17.16 13.34 2.50
CA GLY B 109 16.25 12.20 2.44
C GLY B 109 15.77 11.65 3.75
N SER B 110 15.90 12.42 4.82
CA SER B 110 15.39 12.03 6.13
C SER B 110 13.87 12.05 6.20
N VAL B 111 13.24 12.90 5.40
CA VAL B 111 11.78 12.85 5.21
C VAL B 111 11.43 12.39 3.79
N SER B 112 10.14 12.12 3.56
CA SER B 112 9.65 11.71 2.24
C SER B 112 9.90 12.77 1.20
N GLY B 113 10.04 12.35 -0.07
CA GLY B 113 10.18 13.28 -1.19
C GLY B 113 11.22 12.86 -2.20
N LYS B 114 12.20 12.08 -1.78
CA LYS B 114 13.32 11.74 -2.64
C LYS B 114 13.13 10.44 -3.44
N ILE B 115 12.32 9.52 -2.90
CA ILE B 115 12.08 8.23 -3.54
C ILE B 115 10.60 8.11 -3.96
N GLU B 116 10.38 7.63 -5.17
CA GLU B 116 9.03 7.55 -5.74
C GLU B 116 8.89 6.30 -6.60
N ILE B 117 7.70 5.72 -6.61
CA ILE B 117 7.41 4.63 -7.53
C ILE B 117 6.95 5.25 -8.85
N GLU B 118 7.61 4.94 -9.95
CA GLU B 118 7.24 5.47 -11.25
C GLU B 118 6.30 4.52 -11.99
N ILE B 119 6.67 3.24 -12.00
CA ILE B 119 5.96 2.22 -12.78
C ILE B 119 5.69 0.96 -11.95
N LYS B 120 4.50 0.38 -12.11
CA LYS B 120 4.14 -0.92 -11.55
C LYS B 120 3.50 -1.78 -12.63
N ILE B 121 4.16 -2.87 -12.98
CA ILE B 121 3.65 -3.80 -13.99
C ILE B 121 3.17 -5.08 -13.31
N ASN B 122 1.96 -5.52 -13.67
CA ASN B 122 1.36 -6.73 -13.10
C ASN B 122 2.26 -7.95 -13.33
N HIS B 123 2.45 -8.72 -12.28
CA HIS B 123 3.44 -9.81 -12.28
C HIS B 123 2.88 -10.98 -11.51
N GLU B 124 2.87 -12.15 -12.14
CA GLU B 124 2.28 -13.34 -11.56
C GLU B 124 3.25 -13.90 -10.52
N GLY B 125 2.90 -13.73 -9.26
CA GLY B 125 3.74 -14.18 -8.16
C GLY B 125 4.82 -13.17 -7.83
N GLU B 126 5.56 -13.45 -6.77
CA GLU B 126 6.62 -12.55 -6.34
C GLU B 126 7.73 -12.46 -7.39
N VAL B 127 8.43 -11.34 -7.41
CA VAL B 127 9.58 -11.18 -8.29
C VAL B 127 10.84 -11.66 -7.56
N ASN B 128 11.25 -12.89 -7.83
CA ASN B 128 12.45 -13.46 -7.21
C ASN B 128 13.72 -12.72 -7.63
N ARG B 129 13.77 -12.29 -8.89
CA ARG B 129 14.86 -11.46 -9.36
C ARG B 129 14.48 -10.77 -10.66
N ALA B 130 14.88 -9.52 -10.80
CA ALA B 130 14.66 -8.76 -12.02
C ALA B 130 15.97 -8.10 -12.45
N ARG B 131 16.33 -8.28 -13.72
CA ARG B 131 17.58 -7.75 -14.26
C ARG B 131 17.32 -7.17 -15.64
N TYR B 132 17.90 -6.00 -15.92
CA TYR B 132 17.69 -5.33 -17.22
C TYR B 132 18.69 -5.82 -18.27
N MET B 133 18.28 -5.80 -19.54
CA MET B 133 19.17 -6.15 -20.65
C MET B 133 20.11 -4.98 -20.93
N PRO B 134 21.43 -5.20 -20.84
CA PRO B 134 22.41 -4.11 -21.00
C PRO B 134 22.35 -3.38 -22.35
N GLN B 135 22.06 -4.10 -23.42
CA GLN B 135 21.97 -3.50 -24.76
C GLN B 135 20.64 -2.76 -24.97
N ASN B 136 19.67 -3.00 -24.11
CA ASN B 136 18.39 -2.29 -24.14
C ASN B 136 17.75 -2.30 -22.75
N PRO B 137 18.05 -1.27 -21.92
CA PRO B 137 17.58 -1.18 -20.53
C PRO B 137 16.06 -1.15 -20.34
N CYS B 138 15.31 -0.96 -21.43
CA CYS B 138 13.86 -1.08 -21.42
C CYS B 138 13.40 -2.54 -21.25
N ILE B 139 14.26 -3.49 -21.60
CA ILE B 139 13.94 -4.91 -21.49
C ILE B 139 14.37 -5.43 -20.13
N ILE B 140 13.45 -6.10 -19.44
CA ILE B 140 13.73 -6.63 -18.12
C ILE B 140 13.25 -8.07 -18.02
N ALA B 141 14.14 -8.96 -17.58
CA ALA B 141 13.79 -10.35 -17.35
C ALA B 141 13.49 -10.54 -15.89
N THR B 142 12.53 -11.40 -15.58
CA THR B 142 12.19 -11.69 -14.18
C THR B 142 12.09 -13.19 -13.91
N LYS B 143 12.45 -13.56 -12.69
CA LYS B 143 12.28 -14.91 -12.16
C LYS B 143 11.08 -14.95 -11.23
N THR B 144 10.18 -15.89 -11.49
CA THR B 144 8.92 -16.01 -10.76
C THR B 144 8.96 -17.24 -9.86
N PRO B 145 7.90 -17.49 -9.06
CA PRO B 145 7.81 -18.75 -8.29
C PRO B 145 7.37 -19.96 -9.12
N SER B 146 6.92 -19.73 -10.36
CA SER B 146 6.69 -20.81 -11.31
C SER B 146 7.95 -20.98 -12.15
N SER B 147 7.89 -21.88 -13.12
CA SER B 147 9.07 -22.20 -13.93
C SER B 147 9.35 -21.21 -15.05
N ASP B 148 8.32 -20.50 -15.51
CA ASP B 148 8.44 -19.63 -16.69
C ASP B 148 9.18 -18.35 -16.38
N VAL B 149 10.34 -18.17 -17.00
CA VAL B 149 11.08 -16.90 -16.91
C VAL B 149 10.44 -15.89 -17.84
N LEU B 150 10.26 -14.66 -17.35
CA LEU B 150 9.46 -13.66 -18.07
C LEU B 150 10.31 -12.51 -18.56
N VAL B 151 9.91 -11.93 -19.68
CA VAL B 151 10.56 -10.74 -20.23
C VAL B 151 9.51 -9.64 -20.41
N PHE B 152 9.82 -8.45 -19.93
CA PHE B 152 8.97 -7.28 -20.04
C PHE B 152 9.73 -6.15 -20.71
N ASP B 153 9.09 -5.51 -21.68
CA ASP B 153 9.59 -4.27 -22.25
C ASP B 153 8.71 -3.19 -21.69
N TYR B 154 9.16 -2.53 -20.63
CA TYR B 154 8.28 -1.65 -19.84
C TYR B 154 7.68 -0.45 -20.62
N THR B 155 8.29 -0.10 -21.75
CA THR B 155 7.72 0.89 -22.66
C THR B 155 6.43 0.41 -23.34
N LYS B 156 6.28 -0.90 -23.47
CA LYS B 156 5.08 -1.52 -24.07
C LYS B 156 3.99 -1.82 -23.05
N HIS B 157 4.05 -1.15 -21.90
CA HIS B 157 3.09 -1.35 -20.81
C HIS B 157 2.68 0.01 -20.24
N PRO B 158 1.48 0.07 -19.62
CA PRO B 158 1.11 1.30 -18.92
C PRO B 158 1.91 1.46 -17.63
N SER B 159 2.06 2.70 -17.19
CA SER B 159 2.77 3.01 -15.95
C SER B 159 1.94 2.59 -14.73
N LYS B 160 0.62 2.78 -14.85
CA LYS B 160 -0.35 2.36 -13.83
C LYS B 160 -1.06 1.08 -14.33
N PRO B 161 -1.00 0.00 -13.53
CA PRO B 161 -1.47 -1.31 -14.01
C PRO B 161 -2.98 -1.44 -13.99
N ASP B 162 -3.49 -2.41 -14.75
CA ASP B 162 -4.88 -2.78 -14.69
C ASP B 162 -5.17 -3.48 -13.35
N PRO B 163 -6.24 -3.05 -12.65
CA PRO B 163 -6.53 -3.66 -11.34
C PRO B 163 -6.95 -5.14 -11.37
N SER B 164 -7.23 -5.71 -12.55
CA SER B 164 -7.45 -7.15 -12.68
C SER B 164 -6.22 -7.96 -12.27
N GLY B 165 -5.04 -7.35 -12.36
CA GLY B 165 -3.80 -8.02 -11.99
C GLY B 165 -3.34 -9.02 -13.04
N GLU B 166 -3.86 -8.89 -14.26
CA GLU B 166 -3.49 -9.80 -15.32
C GLU B 166 -2.02 -9.59 -15.74
N CYS B 167 -1.20 -10.60 -15.54
CA CYS B 167 0.16 -10.58 -15.99
C CYS B 167 0.20 -10.88 -17.48
N ASN B 168 0.73 -9.94 -18.27
CA ASN B 168 0.85 -10.11 -19.71
C ASN B 168 2.25 -9.78 -20.21
N PRO B 169 3.20 -10.71 -19.99
CA PRO B 169 4.58 -10.45 -20.39
C PRO B 169 4.74 -10.38 -21.92
N ASP B 170 5.81 -9.75 -22.37
CA ASP B 170 6.07 -9.67 -23.80
C ASP B 170 6.60 -11.00 -24.30
N LEU B 171 7.35 -11.69 -23.46
CA LEU B 171 7.82 -13.05 -23.76
C LEU B 171 7.70 -13.95 -22.55
N ARG B 172 7.54 -15.24 -22.84
CA ARG B 172 7.46 -16.25 -21.82
C ARG B 172 8.51 -17.29 -22.19
N LEU B 173 9.54 -17.43 -21.35
CA LEU B 173 10.70 -18.29 -21.69
C LEU B 173 10.62 -19.64 -20.98
N ARG B 174 10.55 -20.71 -21.78
CA ARG B 174 10.33 -22.06 -21.26
C ARG B 174 11.59 -22.88 -21.27
N GLY B 175 11.61 -23.90 -20.42
CA GLY B 175 12.76 -24.78 -20.28
C GLY B 175 12.96 -25.36 -18.90
N HIS B 176 12.57 -24.64 -17.87
CA HIS B 176 12.78 -25.08 -16.52
C HIS B 176 11.57 -25.85 -16.04
N GLN B 177 11.81 -26.62 -14.99
CA GLN B 177 10.75 -27.31 -14.29
C GLN B 177 10.38 -26.59 -13.00
N LYS B 178 11.31 -25.82 -12.44
CA LYS B 178 11.08 -25.15 -11.19
C LYS B 178 11.58 -23.72 -11.25
N GLU B 179 11.31 -22.97 -10.19
CA GLU B 179 11.79 -21.60 -10.02
C GLU B 179 13.25 -21.55 -9.61
N GLY B 180 13.81 -20.34 -9.66
CA GLY B 180 15.19 -20.09 -9.25
C GLY B 180 15.46 -18.62 -9.06
N TYR B 181 16.74 -18.28 -8.89
CA TYR B 181 17.15 -16.88 -8.72
C TYR B 181 18.15 -16.40 -9.78
N GLY B 182 19.17 -17.19 -10.08
CA GLY B 182 20.15 -16.82 -11.09
C GLY B 182 19.57 -16.26 -12.38
N LEU B 183 20.06 -15.09 -12.78
CA LEU B 183 19.64 -14.42 -14.00
C LEU B 183 20.80 -13.56 -14.50
N SER B 184 21.20 -13.74 -15.75
CA SER B 184 22.32 -12.99 -16.32
C SER B 184 22.22 -12.77 -17.84
N TRP B 185 22.22 -11.51 -18.26
CA TRP B 185 22.25 -11.15 -19.67
C TRP B 185 23.69 -11.10 -20.16
N ASN B 186 23.94 -11.64 -21.35
CA ASN B 186 25.26 -11.53 -21.94
C ASN B 186 25.50 -10.08 -22.38
N PRO B 187 26.53 -9.43 -21.82
CA PRO B 187 26.81 -8.04 -22.19
C PRO B 187 27.48 -7.89 -23.57
N ASN B 188 27.84 -9.02 -24.19
CA ASN B 188 28.49 -9.01 -25.51
C ASN B 188 27.64 -9.65 -26.62
N LEU B 189 26.62 -10.41 -26.24
CA LEU B 189 25.67 -10.98 -27.19
C LEU B 189 24.25 -10.55 -26.83
N SER B 190 23.75 -9.56 -27.56
CA SER B 190 22.43 -9.02 -27.32
C SER B 190 21.36 -10.12 -27.29
N GLY B 191 20.59 -10.17 -26.21
CA GLY B 191 19.42 -11.05 -26.11
C GLY B 191 19.66 -12.44 -25.54
N HIS B 192 20.92 -12.74 -25.22
CA HIS B 192 21.28 -14.05 -24.67
C HIS B 192 21.17 -14.06 -23.15
N LEU B 193 20.20 -14.79 -22.63
CA LEU B 193 19.88 -14.80 -21.20
C LEU B 193 20.13 -16.17 -20.57
N LEU B 194 20.84 -16.17 -19.43
CA LEU B 194 21.05 -17.39 -18.65
C LEU B 194 20.18 -17.36 -17.41
N SER B 195 19.75 -18.53 -16.97
CA SER B 195 18.88 -18.66 -15.81
C SER B 195 19.25 -19.89 -15.00
N ALA B 196 19.18 -19.78 -13.68
CA ALA B 196 19.44 -20.91 -12.78
C ALA B 196 18.14 -21.29 -12.09
N SER B 197 18.03 -22.55 -11.65
CA SER B 197 16.78 -23.08 -11.10
C SER B 197 16.97 -24.13 -10.00
N ASP B 198 15.93 -24.32 -9.20
CA ASP B 198 15.90 -25.41 -8.20
C ASP B 198 15.82 -26.79 -8.86
N ASP B 199 15.58 -26.84 -10.17
CA ASP B 199 15.53 -28.11 -10.92
C ASP B 199 16.91 -28.69 -11.26
N HIS B 200 17.97 -28.03 -10.80
CA HIS B 200 19.36 -28.47 -11.02
C HIS B 200 19.93 -28.04 -12.37
N THR B 201 19.18 -27.27 -13.16
CA THR B 201 19.60 -26.90 -14.52
C THR B 201 19.82 -25.42 -14.73
N ILE B 202 20.52 -25.12 -15.81
CA ILE B 202 20.76 -23.78 -16.28
C ILE B 202 20.22 -23.71 -17.71
N CYS B 203 19.31 -22.78 -17.97
CA CYS B 203 18.75 -22.62 -19.32
C CYS B 203 19.37 -21.43 -20.02
N LEU B 204 19.33 -21.48 -21.35
CA LEU B 204 19.84 -20.39 -22.18
C LEU B 204 18.83 -20.08 -23.27
N TRP B 205 18.42 -18.83 -23.37
CA TRP B 205 17.53 -18.37 -24.44
C TRP B 205 18.25 -17.34 -25.30
N ASP B 206 17.90 -17.30 -26.58
CA ASP B 206 18.33 -16.23 -27.47
C ASP B 206 17.06 -15.57 -28.00
N ILE B 207 16.78 -14.36 -27.51
CA ILE B 207 15.58 -13.64 -27.88
C ILE B 207 15.84 -12.50 -28.87
N SER B 208 17.03 -12.47 -29.47
CA SER B 208 17.37 -11.39 -30.43
C SER B 208 16.64 -11.54 -31.77
N ALA B 209 16.19 -12.75 -32.08
CA ALA B 209 15.49 -13.01 -33.34
C ALA B 209 14.18 -13.74 -33.11
N VAL B 210 13.30 -13.14 -32.31
CA VAL B 210 11.97 -13.70 -32.08
C VAL B 210 11.08 -13.28 -33.26
N PRO B 211 10.36 -14.25 -33.88
CA PRO B 211 9.42 -13.82 -34.92
C PRO B 211 8.41 -12.83 -34.33
N LYS B 212 8.25 -11.66 -34.96
CA LYS B 212 7.56 -10.49 -34.36
C LYS B 212 6.17 -10.75 -33.74
N GLU B 213 5.53 -11.86 -34.13
CA GLU B 213 4.27 -12.31 -33.53
C GLU B 213 4.47 -12.87 -32.11
N GLY B 214 5.51 -13.67 -31.94
CA GLY B 214 5.60 -14.68 -30.89
C GLY B 214 5.66 -14.22 -29.44
N LYS B 215 5.14 -15.08 -28.57
CA LYS B 215 5.04 -14.80 -27.14
C LYS B 215 5.73 -15.86 -26.26
N VAL B 216 6.12 -17.00 -26.84
CA VAL B 216 6.81 -18.05 -26.10
C VAL B 216 8.12 -18.40 -26.81
N VAL B 217 9.15 -18.69 -26.03
CA VAL B 217 10.44 -19.09 -26.55
C VAL B 217 10.99 -20.26 -25.75
N ASP B 218 11.39 -21.31 -26.46
CA ASP B 218 11.99 -22.48 -25.83
C ASP B 218 13.49 -22.28 -25.67
N ALA B 219 14.06 -22.93 -24.66
CA ALA B 219 15.48 -22.81 -24.36
C ALA B 219 16.35 -23.35 -25.49
N LYS B 220 17.34 -22.56 -25.89
CA LYS B 220 18.31 -22.94 -26.94
C LYS B 220 19.23 -24.05 -26.46
N THR B 221 19.59 -24.00 -25.18
CA THR B 221 20.47 -25.01 -24.58
C THR B 221 20.10 -25.17 -23.12
N ILE B 222 20.31 -26.38 -22.59
CA ILE B 222 20.08 -26.64 -21.17
C ILE B 222 21.31 -27.36 -20.59
N PHE B 223 21.95 -26.72 -19.62
CA PHE B 223 23.17 -27.25 -19.02
C PHE B 223 22.85 -27.98 -17.73
N THR B 224 23.29 -29.23 -17.64
CA THR B 224 22.82 -30.17 -16.61
C THR B 224 23.96 -30.77 -15.78
N GLY B 225 24.98 -29.98 -15.51
CA GLY B 225 26.15 -30.48 -14.79
C GLY B 225 25.92 -30.64 -13.29
N HIS B 226 25.21 -29.69 -12.69
CA HIS B 226 25.05 -29.69 -11.24
C HIS B 226 24.18 -30.87 -10.80
N THR B 227 24.38 -31.30 -9.57
CA THR B 227 23.62 -32.41 -9.00
C THR B 227 22.74 -31.92 -7.85
N ALA B 228 22.46 -30.62 -7.85
CA ALA B 228 21.66 -29.98 -6.80
C ALA B 228 21.16 -28.62 -7.28
N VAL B 229 20.39 -27.94 -6.43
CA VAL B 229 19.83 -26.64 -6.75
C VAL B 229 20.91 -25.65 -7.21
N VAL B 230 20.72 -25.08 -8.40
CA VAL B 230 21.62 -24.06 -8.94
C VAL B 230 21.16 -22.70 -8.45
N GLU B 231 22.04 -21.99 -7.73
CA GLU B 231 21.68 -20.78 -7.00
C GLU B 231 21.92 -19.49 -7.79
N ASP B 232 22.96 -19.49 -8.63
CA ASP B 232 23.32 -18.30 -9.39
C ASP B 232 24.09 -18.66 -10.65
N VAL B 233 24.02 -17.75 -11.61
CA VAL B 233 24.68 -17.90 -12.89
C VAL B 233 25.10 -16.51 -13.38
N SER B 234 26.23 -16.43 -14.07
CA SER B 234 26.74 -15.15 -14.52
C SER B 234 27.66 -15.29 -15.70
N TRP B 235 27.43 -14.48 -16.72
CA TRP B 235 28.33 -14.42 -17.88
C TRP B 235 29.65 -13.79 -17.49
N HIS B 236 30.72 -14.23 -18.16
CA HIS B 236 31.98 -13.49 -18.14
C HIS B 236 31.75 -12.19 -18.90
N LEU B 237 32.43 -11.13 -18.48
CA LEU B 237 32.11 -9.78 -18.93
C LEU B 237 32.80 -9.40 -20.26
N LEU B 238 33.84 -10.15 -20.62
CA LEU B 238 34.54 -9.94 -21.90
C LEU B 238 34.40 -11.07 -22.92
N HIS B 239 34.21 -12.30 -22.44
CA HIS B 239 34.24 -13.48 -23.28
C HIS B 239 32.85 -14.04 -23.44
N GLU B 240 32.29 -13.82 -24.62
CA GLU B 240 30.88 -14.10 -24.89
C GLU B 240 30.46 -15.57 -24.78
N SER B 241 31.40 -16.51 -24.82
CA SER B 241 31.08 -17.92 -24.75
C SER B 241 31.25 -18.51 -23.35
N LEU B 242 31.86 -17.75 -22.44
CA LEU B 242 32.13 -18.25 -21.09
C LEU B 242 31.13 -17.73 -20.08
N PHE B 243 30.78 -18.60 -19.13
CA PHE B 243 29.96 -18.21 -18.00
C PHE B 243 30.14 -19.14 -16.81
N GLY B 244 29.89 -18.64 -15.61
CA GLY B 244 30.05 -19.41 -14.39
C GLY B 244 28.72 -19.73 -13.76
N SER B 245 28.68 -20.78 -12.93
CA SER B 245 27.50 -21.13 -12.15
C SER B 245 27.92 -21.65 -10.80
N VAL B 246 27.00 -21.57 -9.83
CA VAL B 246 27.24 -22.06 -8.47
C VAL B 246 25.97 -22.74 -7.96
N ALA B 247 26.13 -23.65 -7.01
CA ALA B 247 25.03 -24.53 -6.61
C ALA B 247 25.18 -25.14 -5.21
N ASP B 248 24.10 -25.79 -4.76
CA ASP B 248 24.05 -26.42 -3.44
C ASP B 248 24.92 -27.67 -3.31
N ASP B 249 25.44 -28.14 -4.44
CA ASP B 249 26.43 -29.23 -4.47
C ASP B 249 27.86 -28.75 -4.14
N GLN B 250 27.97 -27.51 -3.65
CA GLN B 250 29.24 -26.92 -3.20
C GLN B 250 30.23 -26.60 -4.34
N LYS B 251 29.76 -26.59 -5.58
CA LYS B 251 30.65 -26.48 -6.74
C LYS B 251 30.54 -25.17 -7.50
N LEU B 252 31.68 -24.71 -8.02
CA LEU B 252 31.75 -23.63 -8.98
C LEU B 252 32.09 -24.25 -10.33
N MET B 253 31.31 -23.91 -11.35
CA MET B 253 31.50 -24.49 -12.67
C MET B 253 31.68 -23.40 -13.71
N ILE B 254 32.67 -23.59 -14.57
CA ILE B 254 32.89 -22.70 -15.69
C ILE B 254 32.42 -23.40 -16.97
N TRP B 255 31.62 -22.70 -17.76
CA TRP B 255 30.94 -23.29 -18.90
C TRP B 255 31.34 -22.61 -20.20
N ASP B 256 31.42 -23.41 -21.26
CA ASP B 256 31.69 -22.88 -22.62
C ASP B 256 30.52 -23.25 -23.51
N THR B 257 29.85 -22.24 -24.06
CA THR B 257 28.64 -22.48 -24.88
C THR B 257 28.97 -23.21 -26.19
N ARG B 258 30.20 -23.07 -26.67
CA ARG B 258 30.65 -23.73 -27.91
C ARG B 258 30.87 -25.24 -27.75
N SER B 259 31.05 -25.69 -26.51
CA SER B 259 31.22 -27.12 -26.20
C SER B 259 29.99 -27.93 -26.59
N ASN B 260 30.24 -29.16 -27.02
CA ASN B 260 29.18 -30.09 -27.45
C ASN B 260 28.57 -30.94 -26.34
N ASN B 261 29.22 -31.00 -25.18
CA ASN B 261 28.65 -31.69 -24.01
C ASN B 261 28.15 -30.69 -22.97
N THR B 262 26.84 -30.69 -22.75
CA THR B 262 26.17 -29.75 -21.86
C THR B 262 25.92 -30.33 -20.47
N SER B 263 26.32 -31.59 -20.27
CA SER B 263 26.23 -32.24 -18.96
C SER B 263 27.53 -32.13 -18.16
N LYS B 264 28.58 -31.63 -18.80
CA LYS B 264 29.87 -31.43 -18.17
C LYS B 264 30.36 -30.02 -18.41
N PRO B 265 30.79 -29.33 -17.33
CA PRO B 265 31.38 -28.00 -17.52
C PRO B 265 32.80 -28.11 -18.05
N SER B 266 33.33 -27.00 -18.56
CA SER B 266 34.72 -26.95 -18.95
C SER B 266 35.62 -27.20 -17.72
N HIS B 267 35.26 -26.61 -16.58
CA HIS B 267 35.98 -26.81 -15.32
C HIS B 267 35.00 -26.90 -14.17
N SER B 268 35.36 -27.68 -13.16
CA SER B 268 34.57 -27.86 -11.95
C SER B 268 35.47 -27.70 -10.73
N VAL B 269 34.99 -26.96 -9.74
CA VAL B 269 35.78 -26.68 -8.53
C VAL B 269 34.95 -26.91 -7.28
N ASP B 270 35.54 -27.57 -6.29
CA ASP B 270 34.95 -27.62 -4.94
C ASP B 270 35.30 -26.34 -4.22
N ALA B 271 34.41 -25.37 -4.31
CA ALA B 271 34.70 -24.01 -3.88
C ALA B 271 34.49 -23.80 -2.38
N HIS B 272 33.53 -24.52 -1.80
CA HIS B 272 33.13 -24.25 -0.41
C HIS B 272 32.77 -25.51 0.38
N THR B 273 32.65 -25.34 1.69
CA THR B 273 32.23 -26.42 2.59
C THR B 273 30.71 -26.48 2.79
N ALA B 274 29.97 -25.73 1.96
CA ALA B 274 28.51 -25.70 2.01
C ALA B 274 27.98 -25.16 0.70
N GLU B 275 26.67 -24.92 0.65
CA GLU B 275 26.01 -24.36 -0.54
C GLU B 275 26.72 -23.11 -1.02
N VAL B 276 26.87 -22.99 -2.34
CA VAL B 276 27.42 -21.79 -2.96
C VAL B 276 26.26 -21.02 -3.58
N ASN B 277 25.99 -19.83 -3.06
CA ASN B 277 24.78 -19.11 -3.37
C ASN B 277 24.92 -18.01 -4.42
N CYS B 278 26.12 -17.50 -4.62
CA CYS B 278 26.32 -16.38 -5.54
C CYS B 278 27.71 -16.35 -6.14
N LEU B 279 27.83 -15.62 -7.24
CA LEU B 279 29.14 -15.33 -7.84
C LEU B 279 29.11 -14.01 -8.60
N SER B 280 30.30 -13.47 -8.89
CA SER B 280 30.45 -12.21 -9.58
C SER B 280 31.86 -12.05 -10.15
N PHE B 281 31.94 -11.74 -11.43
CA PHE B 281 33.22 -11.50 -12.10
C PHE B 281 33.69 -10.06 -11.86
N ASN B 282 34.97 -9.91 -11.59
CA ASN B 282 35.59 -8.60 -11.46
C ASN B 282 35.54 -7.86 -12.81
N PRO B 283 34.98 -6.63 -12.83
CA PRO B 283 34.76 -5.94 -14.09
C PRO B 283 36.02 -5.30 -14.69
N TYR B 284 37.13 -5.31 -13.95
CA TYR B 284 38.38 -4.78 -14.44
C TYR B 284 39.39 -5.85 -14.75
N SER B 285 39.46 -6.86 -13.89
CA SER B 285 40.45 -7.93 -14.01
C SER B 285 39.77 -9.18 -14.54
N GLU B 286 40.08 -9.52 -15.80
CA GLU B 286 39.32 -10.54 -16.54
C GLU B 286 39.45 -11.99 -16.04
N PHE B 287 40.35 -12.23 -15.09
CA PHE B 287 40.56 -13.58 -14.57
C PHE B 287 40.03 -13.79 -13.15
N ILE B 288 39.67 -12.69 -12.48
CA ILE B 288 39.26 -12.74 -11.09
C ILE B 288 37.75 -12.85 -10.95
N LEU B 289 37.30 -13.66 -10.00
CA LEU B 289 35.88 -13.73 -9.65
C LEU B 289 35.70 -14.09 -8.18
N ALA B 290 34.53 -13.76 -7.63
CA ALA B 290 34.20 -14.08 -6.25
C ALA B 290 33.05 -15.06 -6.19
N THR B 291 32.96 -15.80 -5.09
CA THR B 291 31.80 -16.64 -4.80
C THR B 291 31.44 -16.50 -3.32
N GLY B 292 30.14 -16.44 -3.02
CA GLY B 292 29.66 -16.38 -1.64
C GLY B 292 28.97 -17.69 -1.29
N SER B 293 28.93 -18.01 0.00
CA SER B 293 28.46 -19.32 0.43
C SER B 293 27.80 -19.36 1.80
N ALA B 294 27.16 -20.48 2.09
CA ALA B 294 26.56 -20.73 3.39
C ALA B 294 27.62 -20.99 4.46
N ASP B 295 28.84 -21.32 4.05
CA ASP B 295 29.97 -21.46 4.99
C ASP B 295 30.46 -20.12 5.54
N LYS B 296 29.74 -19.04 5.20
CA LYS B 296 29.94 -17.70 5.77
C LYS B 296 31.16 -16.98 5.21
N THR B 297 31.66 -17.44 4.07
CA THR B 297 32.85 -16.85 3.44
C THR B 297 32.57 -16.42 2.01
N VAL B 298 33.33 -15.42 1.57
CA VAL B 298 33.48 -15.11 0.15
C VAL B 298 34.85 -15.64 -0.27
N ALA B 299 34.88 -16.48 -1.30
CA ALA B 299 36.14 -17.01 -1.82
C ALA B 299 36.56 -16.26 -3.09
N LEU B 300 37.86 -16.19 -3.33
CA LEU B 300 38.39 -15.46 -4.49
C LEU B 300 39.10 -16.43 -5.45
N TRP B 301 38.84 -16.31 -6.74
CA TRP B 301 39.34 -17.28 -7.72
C TRP B 301 40.05 -16.63 -8.90
N ASP B 302 41.01 -17.36 -9.44
CA ASP B 302 41.66 -17.03 -10.71
C ASP B 302 41.26 -18.13 -11.68
N LEU B 303 40.70 -17.73 -12.82
CA LEU B 303 40.20 -18.67 -13.82
C LEU B 303 41.32 -19.52 -14.42
N ARG B 304 42.53 -18.99 -14.39
CA ARG B 304 43.68 -19.68 -14.96
C ARG B 304 44.28 -20.73 -14.03
N ASN B 305 43.82 -20.77 -12.78
CA ASN B 305 44.22 -21.85 -11.86
C ASN B 305 43.21 -22.01 -10.73
N LEU B 306 42.17 -22.79 -11.02
CA LEU B 306 41.04 -22.99 -10.12
C LEU B 306 41.29 -24.03 -9.03
N LYS B 307 42.42 -24.73 -9.08
CA LYS B 307 42.79 -25.65 -8.00
C LYS B 307 43.08 -24.89 -6.71
N LEU B 308 43.64 -23.69 -6.83
CA LEU B 308 43.99 -22.89 -5.67
C LEU B 308 43.00 -21.74 -5.44
N LYS B 309 42.31 -21.80 -4.30
CA LYS B 309 41.55 -20.67 -3.85
C LYS B 309 42.54 -19.57 -3.45
N LEU B 310 42.35 -18.36 -3.98
CA LEU B 310 43.29 -17.27 -3.73
C LEU B 310 43.20 -16.71 -2.33
N HIS B 311 41.98 -16.57 -1.83
CA HIS B 311 41.72 -15.92 -0.54
C HIS B 311 40.30 -16.24 -0.06
N SER B 312 40.10 -16.11 1.24
CA SER B 312 38.81 -16.28 1.88
C SER B 312 38.54 -15.06 2.75
N PHE B 313 37.47 -14.33 2.44
CA PHE B 313 37.01 -13.21 3.24
C PHE B 313 36.13 -13.72 4.36
N GLU B 314 36.57 -13.57 5.59
CA GLU B 314 35.86 -14.11 6.75
C GLU B 314 35.41 -13.00 7.69
N SER B 315 34.27 -13.24 8.36
CA SER B 315 33.70 -12.38 9.43
C SER B 315 32.16 -12.33 9.40
N HIS B 316 31.54 -12.62 8.25
CA HIS B 316 30.07 -12.71 8.19
C HIS B 316 29.53 -13.70 9.22
N LYS B 317 28.45 -13.32 9.90
CA LYS B 317 27.91 -14.09 11.03
C LYS B 317 26.89 -15.15 10.61
N ASP B 318 26.55 -15.19 9.32
CA ASP B 318 25.56 -16.15 8.81
C ASP B 318 25.76 -16.36 7.30
N GLU B 319 24.87 -17.11 6.68
CA GLU B 319 25.00 -17.41 5.25
C GLU B 319 25.04 -16.15 4.38
N ILE B 320 25.81 -16.23 3.29
CA ILE B 320 25.94 -15.17 2.32
C ILE B 320 25.16 -15.57 1.06
N PHE B 321 24.39 -14.63 0.52
CA PHE B 321 23.57 -14.87 -0.66
C PHE B 321 23.86 -13.95 -1.86
N GLN B 322 24.59 -12.87 -1.66
CA GLN B 322 24.89 -11.95 -2.75
C GLN B 322 26.31 -11.41 -2.65
N VAL B 323 26.94 -11.20 -3.80
CA VAL B 323 28.27 -10.64 -3.86
C VAL B 323 28.38 -9.79 -5.12
N GLN B 324 28.88 -8.56 -4.99
CA GLN B 324 29.02 -7.64 -6.14
C GLN B 324 30.28 -6.82 -6.03
N TRP B 325 30.99 -6.71 -7.14
CA TRP B 325 32.17 -5.86 -7.24
C TRP B 325 31.73 -4.42 -7.42
N SER B 326 32.56 -3.50 -6.95
CA SER B 326 32.36 -2.08 -7.22
C SER B 326 32.49 -1.82 -8.74
N PRO B 327 31.65 -0.95 -9.28
CA PRO B 327 31.83 -0.65 -10.69
C PRO B 327 32.97 0.36 -10.95
N HIS B 328 33.50 0.97 -9.89
CA HIS B 328 34.50 2.04 -10.00
C HIS B 328 35.89 1.71 -9.45
N ASN B 329 35.99 0.65 -8.64
CA ASN B 329 37.24 0.30 -7.94
C ASN B 329 37.48 -1.22 -7.96
N GLU B 330 38.46 -1.63 -8.73
CA GLU B 330 38.75 -3.06 -8.93
C GLU B 330 39.03 -3.84 -7.64
N THR B 331 39.53 -3.16 -6.60
CA THR B 331 39.86 -3.84 -5.35
C THR B 331 38.69 -3.97 -4.37
N ILE B 332 37.57 -3.32 -4.69
CA ILE B 332 36.45 -3.19 -3.77
C ILE B 332 35.29 -4.09 -4.19
N LEU B 333 34.77 -4.83 -3.22
CA LEU B 333 33.57 -5.64 -3.45
C LEU B 333 32.74 -5.61 -2.19
N ALA B 334 31.53 -6.16 -2.28
CA ALA B 334 30.60 -6.17 -1.16
C ALA B 334 29.80 -7.47 -1.16
N SER B 335 29.38 -7.88 0.03
CA SER B 335 28.62 -9.11 0.20
C SER B 335 27.51 -8.95 1.21
N SER B 336 26.46 -9.76 1.08
CA SER B 336 25.31 -9.73 1.99
C SER B 336 24.64 -11.09 2.08
N GLY B 337 23.79 -11.25 3.09
CA GLY B 337 23.06 -12.50 3.29
C GLY B 337 22.03 -12.49 4.41
N THR B 338 22.00 -13.58 5.18
CA THR B 338 20.96 -13.82 6.17
C THR B 338 21.07 -12.90 7.36
N ASP B 339 22.30 -12.69 7.82
CA ASP B 339 22.54 -11.71 8.86
C ASP B 339 22.29 -10.34 8.29
N ARG B 340 21.87 -9.42 9.15
CA ARG B 340 21.41 -8.12 8.71
C ARG B 340 22.49 -7.14 8.21
N ARG B 341 23.73 -7.59 8.16
CA ARG B 341 24.86 -6.72 7.90
C ARG B 341 25.38 -6.88 6.49
N LEU B 342 25.80 -5.77 5.90
CA LEU B 342 26.44 -5.79 4.60
C LEU B 342 27.89 -5.48 4.79
N ASN B 343 28.76 -6.34 4.27
CA ASN B 343 30.20 -6.12 4.40
C ASN B 343 30.81 -5.60 3.10
N VAL B 344 31.68 -4.60 3.23
CA VAL B 344 32.44 -4.07 2.10
C VAL B 344 33.92 -4.41 2.29
N TRP B 345 34.51 -5.07 1.30
CA TRP B 345 35.87 -5.55 1.38
C TRP B 345 36.80 -4.74 0.49
N ASP B 346 38.08 -4.76 0.82
CA ASP B 346 39.12 -4.10 0.02
C ASP B 346 40.34 -5.02 -0.10
N LEU B 347 40.51 -5.63 -1.26
CA LEU B 347 41.59 -6.61 -1.50
C LEU B 347 43.00 -6.10 -1.27
N SER B 348 43.22 -4.83 -1.55
CA SER B 348 44.54 -4.23 -1.46
C SER B 348 45.07 -4.25 -0.03
N LYS B 349 44.16 -4.32 0.94
CA LYS B 349 44.51 -4.30 2.35
C LYS B 349 44.70 -5.70 2.94
N ILE B 350 44.71 -6.74 2.10
CA ILE B 350 44.94 -8.10 2.56
C ILE B 350 46.35 -8.23 3.12
N GLY B 351 46.47 -8.85 4.29
CA GLY B 351 47.76 -9.11 4.91
C GLY B 351 48.34 -8.00 5.78
N GLU B 352 47.74 -6.81 5.75
CA GLU B 352 48.21 -5.68 6.57
C GLU B 352 48.10 -6.03 8.04
N GLU B 353 49.22 -5.92 8.75
CA GLU B 353 49.25 -6.33 10.14
C GLU B 353 48.35 -5.43 11.00
N GLN B 354 47.72 -6.04 12.01
CA GLN B 354 46.73 -5.36 12.85
C GLN B 354 47.02 -5.58 14.33
N SER B 355 46.60 -4.63 15.15
CA SER B 355 46.59 -4.79 16.61
C SER B 355 45.49 -5.75 17.03
N PRO B 356 45.62 -6.38 18.21
CA PRO B 356 44.59 -7.33 18.67
C PRO B 356 43.19 -6.71 18.82
N GLU B 357 43.14 -5.42 19.16
CA GLU B 357 41.88 -4.71 19.36
C GLU B 357 41.11 -4.60 18.04
N ASP B 358 41.83 -4.25 16.96
CA ASP B 358 41.24 -4.17 15.63
C ASP B 358 40.91 -5.55 15.07
N ALA B 359 41.73 -6.54 15.41
CA ALA B 359 41.53 -7.91 14.92
C ALA B 359 40.25 -8.53 15.46
N GLU B 360 39.78 -8.04 16.60
CA GLU B 360 38.47 -8.45 17.14
C GLU B 360 37.29 -8.13 16.21
N ASP B 361 37.40 -7.05 15.45
CA ASP B 361 36.34 -6.59 14.55
C ASP B 361 36.35 -7.24 13.17
N GLY B 362 37.47 -7.87 12.80
CA GLY B 362 37.59 -8.59 11.53
C GLY B 362 38.98 -8.43 10.91
N PRO B 363 39.19 -9.07 9.75
CA PRO B 363 40.47 -8.95 9.03
C PRO B 363 40.62 -7.58 8.37
N PRO B 364 41.88 -7.18 8.08
CA PRO B 364 42.15 -5.82 7.61
C PRO B 364 41.47 -5.44 6.29
N GLU B 365 41.21 -6.43 5.43
CA GLU B 365 40.54 -6.19 4.15
C GLU B 365 39.03 -5.91 4.30
N LEU B 366 38.50 -6.00 5.51
CA LEU B 366 37.13 -5.58 5.80
C LEU B 366 37.09 -4.07 6.02
N LEU B 367 36.56 -3.37 5.02
CA LEU B 367 36.58 -1.91 5.02
C LEU B 367 35.42 -1.34 5.81
N PHE B 368 34.22 -1.85 5.57
CA PHE B 368 33.00 -1.28 6.13
C PHE B 368 31.99 -2.36 6.46
N ILE B 369 31.29 -2.17 7.58
CA ILE B 369 30.13 -3.00 7.91
C ILE B 369 28.91 -2.09 7.96
N HIS B 370 28.00 -2.26 7.02
CA HIS B 370 26.77 -1.49 7.01
C HIS B 370 25.77 -2.15 7.94
N GLY B 371 25.38 -1.44 9.00
CA GLY B 371 24.46 -1.96 10.02
C GLY B 371 23.05 -1.36 10.02
N GLY B 372 22.67 -0.74 8.91
CA GLY B 372 21.37 -0.07 8.82
C GLY B 372 20.13 -0.95 8.74
N HIS B 373 20.31 -2.21 8.34
CA HIS B 373 19.18 -3.14 8.24
C HIS B 373 18.94 -3.93 9.54
N THR B 374 17.70 -4.36 9.72
CA THR B 374 17.27 -5.11 10.91
C THR B 374 16.66 -6.46 10.52
N ALA B 375 17.01 -6.96 9.34
CA ALA B 375 16.43 -8.20 8.81
C ALA B 375 17.26 -8.69 7.63
N LYS B 376 17.11 -9.97 7.28
CA LYS B 376 17.88 -10.55 6.18
C LYS B 376 17.86 -9.63 4.95
N ILE B 377 19.05 -9.44 4.36
CA ILE B 377 19.17 -8.66 3.14
C ILE B 377 18.95 -9.59 1.95
N SER B 378 17.99 -9.24 1.10
CA SER B 378 17.66 -10.07 -0.06
C SER B 378 18.55 -9.76 -1.24
N ASP B 379 18.85 -8.48 -1.44
CA ASP B 379 19.66 -8.05 -2.59
C ASP B 379 20.21 -6.64 -2.36
N PHE B 380 21.29 -6.32 -3.08
CA PHE B 380 21.76 -4.94 -3.16
C PHE B 380 22.40 -4.66 -4.52
N SER B 381 22.61 -3.38 -4.82
CA SER B 381 23.18 -2.95 -6.08
C SER B 381 24.07 -1.71 -5.90
N TRP B 382 25.28 -1.74 -6.47
CA TRP B 382 26.15 -0.56 -6.51
C TRP B 382 25.67 0.40 -7.59
N ASN B 383 25.60 1.68 -7.26
CA ASN B 383 25.18 2.69 -8.21
C ASN B 383 26.28 2.93 -9.26
N PRO B 384 25.97 2.68 -10.55
CA PRO B 384 26.99 2.79 -11.59
C PRO B 384 27.43 4.22 -11.92
N ASN B 385 26.63 5.22 -11.58
CA ASN B 385 26.93 6.63 -11.90
C ASN B 385 27.43 7.49 -10.72
N GLU B 386 27.06 7.14 -9.49
CA GLU B 386 27.55 7.84 -8.30
C GLU B 386 28.40 6.91 -7.44
N PRO B 387 29.73 7.08 -7.51
CA PRO B 387 30.63 6.17 -6.81
C PRO B 387 30.27 5.98 -5.35
N TRP B 388 30.43 4.75 -4.85
CA TRP B 388 30.20 4.41 -3.43
C TRP B 388 28.74 4.39 -2.93
N VAL B 389 27.78 4.76 -3.78
CA VAL B 389 26.37 4.70 -3.40
C VAL B 389 25.88 3.27 -3.63
N ILE B 390 25.20 2.73 -2.63
CA ILE B 390 24.66 1.38 -2.67
C ILE B 390 23.16 1.41 -2.37
N CYS B 391 22.39 0.58 -3.06
CA CYS B 391 20.99 0.34 -2.71
C CYS B 391 20.84 -1.07 -2.18
N SER B 392 20.31 -1.22 -0.97
CA SER B 392 20.10 -2.54 -0.36
C SER B 392 18.66 -2.69 0.15
N VAL B 393 18.10 -3.89 -0.03
CA VAL B 393 16.73 -4.19 0.34
C VAL B 393 16.66 -5.42 1.25
N SER B 394 15.77 -5.37 2.24
CA SER B 394 15.64 -6.45 3.21
C SER B 394 14.21 -6.96 3.32
N GLU B 395 14.05 -8.09 4.02
CA GLU B 395 12.76 -8.81 4.12
C GLU B 395 11.66 -8.10 4.90
N ASP B 396 12.01 -7.08 5.67
CA ASP B 396 11.04 -6.34 6.48
C ASP B 396 10.47 -5.11 5.76
N ASN B 397 10.66 -5.02 4.44
CA ASN B 397 10.19 -3.90 3.60
C ASN B 397 11.18 -2.76 3.42
N ILE B 398 12.26 -2.73 4.20
CA ILE B 398 13.17 -1.60 4.19
C ILE B 398 14.03 -1.59 2.92
N MET B 399 14.12 -0.41 2.29
CA MET B 399 15.09 -0.14 1.25
C MET B 399 15.96 1.01 1.71
N GLN B 400 17.28 0.82 1.64
CA GLN B 400 18.21 1.87 1.99
C GLN B 400 19.08 2.25 0.80
N VAL B 401 19.24 3.56 0.59
CA VAL B 401 20.22 4.08 -0.34
C VAL B 401 21.25 4.83 0.51
N TRP B 402 22.50 4.37 0.45
CA TRP B 402 23.50 4.89 1.36
C TRP B 402 24.87 4.99 0.73
N GLN B 403 25.72 5.75 1.41
CA GLN B 403 27.10 5.99 0.97
C GLN B 403 27.95 6.23 2.21
N MET B 404 28.97 5.40 2.41
CA MET B 404 29.84 5.56 3.57
C MET B 404 30.62 6.86 3.44
N ALA B 405 31.13 7.34 4.58
CA ALA B 405 31.86 8.63 4.62
C ALA B 405 33.20 8.53 3.90
N GLU B 406 33.53 9.57 3.15
CA GLU B 406 34.69 9.58 2.26
C GLU B 406 35.98 9.18 2.97
N ASN B 407 36.18 9.62 4.21
CA ASN B 407 37.43 9.36 4.93
C ASN B 407 37.63 7.89 5.36
N ILE B 408 36.58 7.07 5.24
CA ILE B 408 36.70 5.64 5.47
C ILE B 408 37.57 4.96 4.41
N TYR B 409 37.31 5.28 3.14
CA TYR B 409 38.05 4.71 2.00
C TYR B 409 39.12 5.64 1.43
N ASN B 410 39.04 6.93 1.77
CA ASN B 410 39.99 7.93 1.26
C ASN B 410 40.90 8.44 2.37
N LEU C 2 -36.72 -17.89 -5.03
CA LEU C 2 -35.97 -19.07 -4.49
C LEU C 2 -36.73 -19.70 -3.33
N LEU C 3 -36.98 -18.86 -2.32
CA LEU C 3 -37.67 -19.25 -1.11
C LEU C 3 -38.96 -18.44 -0.97
N SER C 4 -39.77 -18.83 0.01
CA SER C 4 -41.01 -18.12 0.31
C SER C 4 -40.69 -16.74 0.84
N SER C 5 -41.70 -15.87 0.84
CA SER C 5 -41.57 -14.54 1.41
C SER C 5 -41.14 -14.60 2.88
N SER C 6 -41.69 -15.59 3.59
CA SER C 6 -41.38 -15.80 5.00
C SER C 6 -39.89 -16.11 5.20
N GLU C 7 -39.35 -16.95 4.31
CA GLU C 7 -37.97 -17.41 4.41
C GLU C 7 -36.94 -16.38 3.95
N THR C 8 -37.25 -15.65 2.87
CA THR C 8 -36.37 -14.58 2.38
C THR C 8 -36.29 -13.41 3.36
N LYS C 9 -37.42 -13.06 3.97
CA LYS C 9 -37.43 -12.07 5.05
C LYS C 9 -36.62 -12.58 6.22
N ARG C 10 -36.85 -13.84 6.57
CA ARG C 10 -36.16 -14.44 7.69
C ARG C 10 -34.64 -14.40 7.49
N ALA C 11 -34.17 -14.78 6.30
CA ALA C 11 -32.74 -14.73 6.02
C ALA C 11 -32.21 -13.30 6.05
N ALA C 12 -33.01 -12.34 5.59
CA ALA C 12 -32.64 -10.93 5.58
C ALA C 12 -32.37 -10.33 6.97
N ARG C 13 -32.95 -10.92 8.01
CA ARG C 13 -32.76 -10.44 9.39
C ARG C 13 -31.98 -11.45 10.25
N ARG C 14 -31.45 -12.49 9.63
CA ARG C 14 -30.64 -13.49 10.32
C ARG C 14 -29.36 -13.73 9.51
N PRO C 15 -28.48 -12.72 9.47
CA PRO C 15 -27.27 -12.77 8.64
C PRO C 15 -26.30 -13.92 8.94
N TYR C 16 -26.18 -14.28 10.22
CA TYR C 16 -25.15 -15.22 10.66
C TYR C 16 -25.67 -16.64 10.94
N LYS C 17 -26.90 -16.90 10.53
CA LYS C 17 -27.46 -18.26 10.53
C LYS C 17 -27.46 -18.80 9.09
N PRO C 18 -26.93 -20.02 8.89
CA PRO C 18 -26.86 -20.57 7.53
C PRO C 18 -28.22 -20.80 6.90
N ILE C 19 -28.29 -20.58 5.59
CA ILE C 19 -29.52 -20.76 4.82
C ILE C 19 -29.56 -22.17 4.21
N ALA C 20 -30.63 -22.90 4.50
CA ALA C 20 -30.82 -24.26 3.99
C ALA C 20 -32.17 -24.39 3.29
N LEU C 21 -32.36 -25.49 2.57
CA LEU C 21 -33.60 -25.77 1.82
C LEU C 21 -34.32 -26.98 2.41
N LEU D 2 37.05 14.30 11.21
CA LEU D 2 36.39 14.34 12.56
C LEU D 2 37.24 13.63 13.59
N LEU D 3 37.52 12.36 13.30
CA LEU D 3 38.27 11.48 14.18
C LEU D 3 39.54 11.04 13.46
N SER D 4 40.43 10.40 14.21
CA SER D 4 41.65 9.84 13.67
C SER D 4 41.32 8.71 12.70
N SER D 5 42.32 8.31 11.91
CA SER D 5 42.18 7.18 11.01
C SER D 5 41.84 5.92 11.78
N SER D 6 42.47 5.76 12.94
CA SER D 6 42.23 4.61 13.82
C SER D 6 40.75 4.55 14.26
N GLU D 7 40.21 5.70 14.65
CA GLU D 7 38.84 5.78 15.18
C GLU D 7 37.75 5.67 14.11
N THR D 8 38.01 6.25 12.94
CA THR D 8 37.07 6.18 11.82
C THR D 8 36.97 4.76 11.28
N LYS D 9 38.11 4.08 11.18
CA LYS D 9 38.14 2.66 10.81
C LYS D 9 37.42 1.86 11.87
N ARG D 10 37.70 2.18 13.12
CA ARG D 10 37.10 1.46 14.24
C ARG D 10 35.57 1.57 14.22
N ALA D 11 35.06 2.77 13.92
CA ALA D 11 33.61 2.97 13.85
C ALA D 11 32.99 2.24 12.64
N ALA D 12 33.73 2.18 11.56
CA ALA D 12 33.31 1.51 10.33
C ALA D 12 33.11 0.01 10.51
N ARG D 13 33.79 -0.60 11.49
CA ARG D 13 33.67 -2.04 11.75
C ARG D 13 32.97 -2.36 13.07
N ARG D 14 32.43 -1.34 13.73
CA ARG D 14 31.68 -1.51 14.97
C ARG D 14 30.39 -0.74 14.87
N PRO D 15 29.48 -1.20 13.99
CA PRO D 15 28.22 -0.48 13.70
C PRO D 15 27.30 -0.24 14.89
N TYR D 16 27.29 -1.16 15.84
CA TYR D 16 26.32 -1.13 16.93
C TYR D 16 26.88 -0.65 18.27
N LYS D 17 28.11 -0.15 18.26
CA LYS D 17 28.70 0.52 19.42
C LYS D 17 28.64 2.03 19.20
N PRO D 18 28.12 2.79 20.19
CA PRO D 18 27.97 4.24 20.02
C PRO D 18 29.31 4.97 19.87
N ILE D 19 29.32 5.99 19.03
CA ILE D 19 30.52 6.77 18.77
C ILE D 19 30.59 7.96 19.73
N ALA D 20 31.69 8.07 20.47
CA ALA D 20 31.91 9.18 21.42
C ALA D 20 33.23 9.90 21.11
N LEU D 21 33.42 11.05 21.75
CA LEU D 21 34.63 11.86 21.57
C LEU D 21 35.39 11.93 22.89
C1 GOL E . -27.82 -4.47 -10.97
O1 GOL E . -28.40 -3.16 -11.13
C2 GOL E . -28.80 -5.57 -11.42
O2 GOL E . -28.92 -6.57 -10.40
C3 GOL E . -28.33 -6.19 -12.73
O3 GOL E . -27.14 -6.98 -12.57
CA CA F . -44.05 11.17 -1.23
CA CA G . 43.56 -2.45 -13.10
#